data_8BEM
#
_entry.id   8BEM
#
_cell.length_a   58.012
_cell.length_b   107.280
_cell.length_c   129.400
_cell.angle_alpha   90.000
_cell.angle_beta   95.320
_cell.angle_gamma   90.000
#
_symmetry.space_group_name_H-M   'P 1 21 1'
#
loop_
_entity.id
_entity.type
_entity.pdbx_description
1 polymer 'STE20-like serine/threonine-protein kinase'
2 non-polymer TIVOZANIB
3 non-polymer 'SULFATE ION'
4 water water
#
_entity_poly.entity_id   1
_entity_poly.type   'polypeptide(L)'
_entity_poly.pdbx_seq_one_letter_code
;SMKQYEHVKRDLNPEDFWEIIGELGDGAFGKVYKAQNKETSVLAAAKVIDTKSEEELEDYMVEIDILASCDHPNIVKLLD
AFYYENNLWILIEFCAGGAVDAVMLELERPLTESQIQVVCKQTLDALNYLHDNKIIHRDLKAGNILFTLDGDIKLADFGV
SAKNTRTIQRRDSFIGTPYWMAPEVVMCETSKDRPYDYKADVWSLGITLIEMAEIEPPHHELNPMRVLLKIAKSEPPTLA
QPSRWSSNFKDFLKKCLEKNVDARWTTSQLLQHPFVTVDSNKPIRELIAEAKAEVTEEVEDGK
;
_entity_poly.pdbx_strand_id   A,B,D,G
#
loop_
_chem_comp.id
_chem_comp.type
_chem_comp.name
_chem_comp.formula
AV9 non-polymer TIVOZANIB 'C22 H19 Cl N4 O5'
SO4 non-polymer 'SULFATE ION' 'O4 S -2'
#
# COMPACT_ATOMS: atom_id res chain seq x y z
N SER A 1 -1.45 40.77 -2.47
CA SER A 1 -2.68 40.55 -3.24
C SER A 1 -3.32 39.24 -2.78
N MET A 2 -2.51 38.25 -2.47
CA MET A 2 -3.04 36.94 -2.02
C MET A 2 -3.64 37.12 -0.64
N LYS A 3 -4.84 36.60 -0.44
CA LYS A 3 -5.50 36.70 0.89
C LYS A 3 -5.88 35.31 1.38
N GLN A 4 -5.65 35.05 2.67
CA GLN A 4 -6.10 33.76 3.25
C GLN A 4 -7.23 34.06 4.23
N TYR A 5 -8.34 33.37 4.06
CA TYR A 5 -9.47 33.52 4.99
C TYR A 5 -9.12 32.76 6.27
N GLU A 6 -9.85 33.02 7.35
CA GLU A 6 -9.61 32.41 8.64
C GLU A 6 -9.99 30.93 8.61
N HIS A 7 -9.27 30.13 9.40
CA HIS A 7 -9.49 28.69 9.46
C HIS A 7 -10.60 28.33 10.46
N VAL A 8 -11.08 29.30 11.24
CA VAL A 8 -12.11 29.02 12.25
C VAL A 8 -13.42 29.65 11.78
N LYS A 9 -14.47 28.81 11.74
CA LYS A 9 -15.82 29.25 11.40
C LYS A 9 -16.42 30.01 12.58
N ARG A 10 -17.32 30.95 12.31
CA ARG A 10 -17.94 31.80 13.30
C ARG A 10 -19.44 31.87 13.00
N ASP A 11 -20.25 32.19 14.03
CA ASP A 11 -21.70 32.31 13.92
C ASP A 11 -22.36 31.02 13.41
N LEU A 12 -21.71 29.86 13.63
CA LEU A 12 -22.21 28.58 13.16
C LEU A 12 -22.02 27.52 14.24
N ASN A 13 -23.10 26.75 14.48
CA ASN A 13 -23.12 25.70 15.50
C ASN A 13 -22.35 24.49 14.98
N PRO A 14 -21.29 24.05 15.68
CA PRO A 14 -20.54 22.86 15.25
C PRO A 14 -21.41 21.61 15.14
N GLU A 15 -22.46 21.51 15.98
CA GLU A 15 -23.26 20.30 16.07
C GLU A 15 -24.32 20.25 14.99
N ASP A 16 -24.42 21.31 14.17
CA ASP A 16 -25.12 21.27 12.89
C ASP A 16 -24.38 20.33 11.93
N PHE A 17 -23.06 20.19 12.07
CA PHE A 17 -22.22 19.47 11.12
C PHE A 17 -21.55 18.22 11.73
N TRP A 18 -21.37 18.15 13.05
CA TRP A 18 -20.75 17.01 13.71
C TRP A 18 -21.58 16.53 14.89
N GLU A 19 -21.85 15.21 14.95
CA GLU A 19 -22.48 14.54 16.08
C GLU A 19 -21.39 14.04 17.02
N ILE A 20 -21.51 14.34 18.32
CA ILE A 20 -20.69 13.67 19.32
C ILE A 20 -21.26 12.26 19.53
N ILE A 21 -20.42 11.26 19.29
CA ILE A 21 -20.74 9.89 19.61
C ILE A 21 -20.48 9.71 21.10
N GLY A 22 -19.18 9.73 21.44
CA GLY A 22 -18.71 9.30 22.74
C GLY A 22 -17.46 10.05 23.17
N GLU A 23 -16.81 9.51 24.20
CA GLU A 23 -15.64 10.14 24.78
C GLU A 23 -14.44 9.23 24.50
N LEU A 24 -13.26 9.83 24.29
CA LEU A 24 -12.08 9.07 23.93
C LEU A 24 -11.08 9.07 25.06
N GLY A 25 -10.79 10.27 25.60
CA GLY A 25 -9.92 10.42 26.76
C GLY A 25 -10.55 11.35 27.80
N ASP A 26 -10.34 11.00 29.09
CA ASP A 26 -10.57 11.92 30.18
C ASP A 26 -9.27 12.04 30.96
N GLY A 27 -8.15 11.78 30.29
CA GLY A 27 -6.83 11.82 30.91
C GLY A 27 -6.41 13.27 31.17
N GLY A 30 -7.46 16.99 29.28
CA GLY A 30 -8.80 17.51 29.10
C GLY A 30 -9.77 16.43 28.61
N LYS A 31 -10.94 16.85 28.12
CA LYS A 31 -11.89 15.96 27.44
C LYS A 31 -11.62 16.01 25.93
N VAL A 32 -11.36 14.82 25.34
CA VAL A 32 -11.39 14.64 23.90
C VAL A 32 -12.61 13.80 23.52
N TYR A 33 -13.40 14.29 22.56
CA TYR A 33 -14.63 13.66 22.12
C TYR A 33 -14.41 12.94 20.79
N LYS A 34 -15.30 11.99 20.50
CA LYS A 34 -15.33 11.34 19.20
C LYS A 34 -16.53 11.90 18.43
N ALA A 35 -16.28 12.36 17.21
CA ALA A 35 -17.34 13.00 16.44
C ALA A 35 -17.43 12.36 15.08
N GLN A 36 -18.61 12.45 14.48
CA GLN A 36 -18.90 11.90 13.18
C GLN A 36 -19.60 12.97 12.36
N ASN A 37 -19.08 13.21 11.16
CA ASN A 37 -19.64 14.25 10.31
C ASN A 37 -21.03 13.82 9.90
N LYS A 38 -22.02 14.71 10.08
CA LYS A 38 -23.41 14.39 9.79
C LYS A 38 -23.65 14.21 8.29
N GLU A 39 -22.83 14.84 7.41
CA GLU A 39 -23.07 14.80 5.96
CA GLU A 39 -23.07 14.80 5.96
C GLU A 39 -22.13 13.83 5.25
N THR A 40 -20.92 13.57 5.79
CA THR A 40 -19.95 12.69 5.14
C THR A 40 -19.71 11.40 5.91
N SER A 41 -20.02 11.32 7.22
CA SER A 41 -19.79 10.13 8.04
C SER A 41 -18.32 9.98 8.45
N VAL A 42 -17.46 10.94 8.08
CA VAL A 42 -16.06 10.95 8.49
C VAL A 42 -15.97 11.05 10.02
N LEU A 43 -14.97 10.37 10.59
CA LEU A 43 -14.72 10.36 12.03
C LEU A 43 -13.65 11.40 12.38
N ALA A 44 -13.87 12.10 13.50
CA ALA A 44 -12.90 13.05 14.01
C ALA A 44 -12.70 12.82 15.50
N ALA A 45 -11.55 13.24 16.02
CA ALA A 45 -11.42 13.57 17.43
C ALA A 45 -11.68 15.06 17.59
N ALA A 46 -12.44 15.42 18.62
CA ALA A 46 -12.87 16.80 18.86
C ALA A 46 -12.43 17.25 20.24
N LYS A 47 -11.94 18.48 20.34
CA LYS A 47 -11.58 19.10 21.59
C LYS A 47 -12.42 20.37 21.69
N VAL A 48 -13.11 20.56 22.81
CA VAL A 48 -13.97 21.72 23.01
C VAL A 48 -13.34 22.54 24.13
N ILE A 49 -12.54 23.55 23.77
CA ILE A 49 -11.76 24.27 24.78
C ILE A 49 -12.45 25.60 25.08
N ASP A 50 -12.63 25.85 26.40
CA ASP A 50 -13.30 27.03 26.93
C ASP A 50 -12.38 28.23 26.75
N THR A 51 -12.86 29.22 25.97
CA THR A 51 -12.08 30.38 25.56
C THR A 51 -12.84 31.64 26.00
N LYS A 52 -12.74 31.95 27.31
CA LYS A 52 -13.23 33.20 27.89
C LYS A 52 -12.30 34.31 27.45
N SER A 53 -11.01 34.19 27.81
CA SER A 53 -9.95 35.12 27.46
C SER A 53 -9.80 35.24 25.94
N GLU A 54 -10.04 36.46 25.39
CA GLU A 54 -9.89 36.72 23.97
C GLU A 54 -8.41 36.66 23.58
N GLU A 55 -7.50 36.91 24.56
CA GLU A 55 -6.06 36.82 24.37
C GLU A 55 -5.62 35.35 24.28
N GLU A 56 -6.43 34.43 24.86
CA GLU A 56 -6.17 32.99 24.81
C GLU A 56 -6.60 32.42 23.46
N LEU A 57 -7.75 32.92 22.93
CA LEU A 57 -8.30 32.51 21.64
C LEU A 57 -7.29 32.78 20.51
N GLU A 58 -6.65 33.96 20.54
CA GLU A 58 -5.62 34.29 19.57
C GLU A 58 -4.44 33.31 19.72
N ASP A 59 -4.10 32.91 20.96
CA ASP A 59 -2.98 32.02 21.21
C ASP A 59 -3.29 30.64 20.61
N TYR A 60 -4.55 30.18 20.69
CA TYR A 60 -4.92 28.89 20.12
C TYR A 60 -5.01 28.98 18.61
N MET A 61 -5.56 30.09 18.09
CA MET A 61 -5.76 30.26 16.65
C MET A 61 -4.42 30.19 15.92
N VAL A 62 -3.33 30.55 16.62
CA VAL A 62 -1.99 30.48 16.05
C VAL A 62 -1.63 29.01 15.83
N GLU A 63 -1.90 28.17 16.83
CA GLU A 63 -1.61 26.75 16.73
C GLU A 63 -2.49 26.11 15.64
N ILE A 64 -3.74 26.59 15.48
CA ILE A 64 -4.63 26.06 14.46
C ILE A 64 -4.11 26.38 13.06
N ASP A 65 -3.61 27.62 12.85
CA ASP A 65 -3.05 28.01 11.55
C ASP A 65 -1.89 27.12 11.14
N ILE A 66 -0.99 26.82 12.08
CA ILE A 66 0.17 25.98 11.81
C ILE A 66 -0.32 24.60 11.36
N LEU A 67 -1.29 24.05 12.10
CA LEU A 67 -1.82 22.74 11.81
C LEU A 67 -2.51 22.69 10.44
N ALA A 68 -3.27 23.75 10.12
CA ALA A 68 -4.03 23.84 8.88
C ALA A 68 -3.12 23.90 7.65
N SER A 69 -1.91 24.46 7.81
CA SER A 69 -0.97 24.65 6.73
C SER A 69 -0.13 23.39 6.47
N CYS A 70 -0.14 22.45 7.43
CA CYS A 70 0.63 21.22 7.32
C CYS A 70 -0.11 20.22 6.46
N ASP A 71 0.65 19.55 5.58
CA ASP A 71 0.12 18.53 4.69
C ASP A 71 1.16 17.42 4.55
N HIS A 72 1.11 16.46 5.49
CA HIS A 72 1.97 15.30 5.48
C HIS A 72 1.18 14.07 5.96
N PRO A 73 1.38 12.88 5.36
CA PRO A 73 0.64 11.67 5.76
C PRO A 73 0.81 11.24 7.22
N ASN A 74 1.89 11.72 7.85
CA ASN A 74 2.29 11.30 9.19
C ASN A 74 2.04 12.41 10.18
N ILE A 75 1.30 13.45 9.76
CA ILE A 75 0.89 14.52 10.65
C ILE A 75 -0.62 14.61 10.58
N VAL A 76 -1.20 14.68 11.75
CA VAL A 76 -2.64 14.66 11.94
C VAL A 76 -3.20 15.91 11.26
N LYS A 77 -4.31 15.73 10.52
CA LYS A 77 -4.94 16.78 9.73
C LYS A 77 -6.10 17.42 10.49
N LEU A 78 -6.17 18.75 10.38
CA LEU A 78 -7.30 19.53 10.86
C LEU A 78 -8.45 19.36 9.88
N LEU A 79 -9.59 18.87 10.37
CA LEU A 79 -10.79 18.67 9.57
C LEU A 79 -11.75 19.84 9.72
N ASP A 80 -11.72 20.54 10.87
CA ASP A 80 -12.65 21.64 11.10
C ASP A 80 -12.29 22.40 12.38
N ALA A 81 -12.73 23.67 12.44
CA ALA A 81 -12.59 24.49 13.64
C ALA A 81 -13.72 25.51 13.68
N PHE A 82 -14.29 25.69 14.88
CA PHE A 82 -15.42 26.57 15.11
C PHE A 82 -15.22 27.40 16.38
N TYR A 83 -15.68 28.64 16.33
CA TYR A 83 -15.90 29.44 17.53
C TYR A 83 -17.40 29.63 17.67
N TYR A 84 -18.01 29.06 18.71
CA TYR A 84 -19.44 29.16 18.93
C TYR A 84 -19.76 29.18 20.42
N GLU A 85 -20.63 30.12 20.84
CA GLU A 85 -21.03 30.34 22.23
C GLU A 85 -19.82 30.16 23.16
N ASN A 86 -18.74 30.90 22.85
CA ASN A 86 -17.54 31.03 23.70
C ASN A 86 -16.77 29.72 23.84
N ASN A 87 -17.01 28.73 22.97
CA ASN A 87 -16.17 27.56 22.92
C ASN A 87 -15.42 27.50 21.59
N LEU A 88 -14.19 26.98 21.64
CA LEU A 88 -13.42 26.69 20.45
C LEU A 88 -13.37 25.19 20.22
N TRP A 89 -14.04 24.72 19.16
CA TRP A 89 -14.00 23.32 18.74
C TRP A 89 -12.88 23.11 17.71
N ILE A 90 -12.04 22.12 17.98
CA ILE A 90 -10.99 21.66 17.09
C ILE A 90 -11.29 20.21 16.71
N LEU A 91 -11.42 19.94 15.40
CA LEU A 91 -11.67 18.59 14.94
C LEU A 91 -10.55 18.12 14.03
N ILE A 92 -9.92 17.01 14.40
CA ILE A 92 -8.78 16.49 13.65
C ILE A 92 -9.02 15.03 13.28
N GLU A 93 -8.24 14.51 12.31
CA GLU A 93 -8.50 13.16 11.83
C GLU A 93 -8.38 12.16 12.98
N PHE A 94 -9.39 11.30 13.05
CA PHE A 94 -9.50 10.24 14.02
C PHE A 94 -8.49 9.15 13.66
N CYS A 95 -7.71 8.74 14.67
CA CYS A 95 -6.69 7.71 14.56
C CYS A 95 -7.05 6.56 15.51
N ALA A 96 -7.63 5.49 14.92
CA ALA A 96 -8.41 4.50 15.64
C ALA A 96 -7.60 3.71 16.68
N GLY A 97 -6.31 3.49 16.41
CA GLY A 97 -5.44 2.72 17.29
C GLY A 97 -5.08 3.42 18.59
N GLY A 98 -5.31 4.75 18.68
CA GLY A 98 -5.00 5.53 19.86
C GLY A 98 -3.51 5.83 20.00
N ALA A 99 -3.12 6.41 21.13
CA ALA A 99 -1.74 6.79 21.40
C ALA A 99 -0.88 5.57 21.74
N VAL A 100 0.42 5.70 21.45
CA VAL A 100 1.38 4.63 21.61
C VAL A 100 1.57 4.28 23.09
N ASP A 101 1.55 5.29 23.97
CA ASP A 101 1.77 5.09 25.40
C ASP A 101 0.61 4.28 26.01
N ALA A 102 -0.63 4.66 25.68
CA ALA A 102 -1.82 3.93 26.09
C ALA A 102 -1.82 2.48 25.62
N VAL A 103 -1.28 2.18 24.43
CA VAL A 103 -1.22 0.81 23.94
C VAL A 103 -0.26 0.00 24.82
N MET A 104 0.90 0.57 25.12
CA MET A 104 1.89 -0.06 25.97
C MET A 104 1.35 -0.29 27.39
N LEU A 105 0.59 0.67 27.94
CA LEU A 105 0.06 0.54 29.30
C LEU A 105 -1.08 -0.48 29.32
N GLU A 106 -1.96 -0.48 28.30
CA GLU A 106 -3.04 -1.46 28.20
C GLU A 106 -2.46 -2.88 28.08
N LEU A 107 -1.51 -3.09 27.14
CA LEU A 107 -0.90 -4.39 26.91
C LEU A 107 0.18 -4.75 27.94
N GLU A 108 0.71 -3.75 28.67
CA GLU A 108 1.70 -3.97 29.72
C GLU A 108 3.00 -4.50 29.13
N ARG A 109 3.35 -4.05 27.93
CA ARG A 109 4.58 -4.48 27.26
C ARG A 109 5.12 -3.29 26.46
N PRO A 110 6.46 -3.15 26.30
CA PRO A 110 7.01 -2.18 25.39
C PRO A 110 6.80 -2.64 23.96
N LEU A 111 7.20 -1.81 23.00
CA LEU A 111 7.21 -2.20 21.60
C LEU A 111 8.45 -3.06 21.35
N THR A 112 8.39 -3.90 20.33
CA THR A 112 9.56 -4.59 19.81
C THR A 112 10.43 -3.61 19.02
N GLU A 113 11.67 -4.01 18.73
CA GLU A 113 12.57 -3.21 17.93
C GLU A 113 11.99 -2.96 16.53
N SER A 114 11.39 -4.01 15.95
CA SER A 114 10.76 -3.91 14.65
C SER A 114 9.65 -2.86 14.65
N GLN A 115 8.83 -2.85 15.72
CA GLN A 115 7.74 -1.89 15.85
C GLN A 115 8.28 -0.49 16.10
N ILE A 116 9.30 -0.35 16.95
CA ILE A 116 9.91 0.96 17.18
C ILE A 116 10.45 1.50 15.85
N GLN A 117 10.96 0.62 15.01
CA GLN A 117 11.62 1.00 13.78
C GLN A 117 10.64 1.67 12.83
N VAL A 118 9.44 1.09 12.70
CA VAL A 118 8.38 1.67 11.89
C VAL A 118 7.96 3.03 12.46
N VAL A 119 7.78 3.11 13.79
CA VAL A 119 7.30 4.34 14.41
C VAL A 119 8.37 5.42 14.26
N CYS A 120 9.62 5.06 14.47
CA CYS A 120 10.75 5.97 14.37
C CYS A 120 10.86 6.55 12.97
N LYS A 121 10.73 5.71 11.95
CA LYS A 121 10.85 6.17 10.56
C LYS A 121 9.71 7.11 10.23
N GLN A 122 8.47 6.74 10.58
CA GLN A 122 7.33 7.57 10.21
C GLN A 122 7.36 8.88 11.00
N THR A 123 7.71 8.82 12.29
CA THR A 123 7.77 9.99 13.13
C THR A 123 8.86 10.93 12.64
N LEU A 124 9.98 10.36 12.19
CA LEU A 124 11.10 11.13 11.65
C LEU A 124 10.72 11.80 10.34
N ASP A 125 9.89 11.15 9.51
CA ASP A 125 9.39 11.81 8.29
C ASP A 125 8.55 13.03 8.69
N ALA A 126 7.64 12.89 9.67
CA ALA A 126 6.82 13.97 10.18
C ALA A 126 7.66 15.14 10.73
N LEU A 127 8.67 14.81 11.54
CA LEU A 127 9.46 15.81 12.24
C LEU A 127 10.32 16.58 11.23
N ASN A 128 10.87 15.82 10.27
CA ASN A 128 11.71 16.41 9.25
C ASN A 128 10.89 17.39 8.42
N TYR A 129 9.62 17.04 8.14
CA TYR A 129 8.73 17.93 7.42
C TYR A 129 8.48 19.22 8.21
N LEU A 130 8.16 19.09 9.52
CA LEU A 130 8.04 20.23 10.40
C LEU A 130 9.27 21.14 10.35
N HIS A 131 10.45 20.55 10.55
CA HIS A 131 11.70 21.31 10.61
C HIS A 131 11.97 22.01 9.29
N ASP A 132 11.59 21.36 8.20
CA ASP A 132 11.79 21.88 6.86
C ASP A 132 10.97 23.17 6.68
N ASN A 133 9.80 23.21 7.34
CA ASN A 133 8.83 24.29 7.23
C ASN A 133 8.94 25.24 8.44
N LYS A 134 10.06 25.18 9.17
CA LYS A 134 10.44 26.09 10.23
C LYS A 134 9.49 25.96 11.43
N ILE A 135 9.04 24.74 11.70
CA ILE A 135 8.17 24.44 12.82
C ILE A 135 8.89 23.48 13.76
N ILE A 136 8.82 23.78 15.06
CA ILE A 136 9.25 22.85 16.08
C ILE A 136 8.01 22.30 16.78
N HIS A 137 8.04 20.98 17.05
CA HIS A 137 6.94 20.32 17.73
C HIS A 137 6.93 20.70 19.22
N ARG A 138 8.05 20.50 19.91
CA ARG A 138 8.31 20.91 21.29
C ARG A 138 7.76 19.95 22.35
N ASP A 139 6.97 18.94 21.99
CA ASP A 139 6.43 18.07 23.00
C ASP A 139 6.37 16.64 22.45
N LEU A 140 7.44 16.23 21.80
CA LEU A 140 7.48 14.92 21.17
C LEU A 140 7.67 13.90 22.26
N LYS A 141 6.69 13.01 22.38
CA LYS A 141 6.69 11.92 23.33
C LYS A 141 5.76 10.84 22.78
N ALA A 142 5.74 9.67 23.42
CA ALA A 142 4.94 8.57 22.91
C ALA A 142 3.45 8.90 23.00
N GLY A 143 3.04 9.75 23.95
CA GLY A 143 1.65 10.15 24.11
C GLY A 143 1.11 10.95 22.93
N ASN A 144 2.01 11.48 22.07
CA ASN A 144 1.66 12.33 20.95
C ASN A 144 1.90 11.62 19.62
N ILE A 145 2.11 10.30 19.66
CA ILE A 145 2.17 9.51 18.45
C ILE A 145 0.94 8.59 18.42
N LEU A 146 0.13 8.70 17.37
CA LEU A 146 -1.15 8.00 17.29
C LEU A 146 -1.07 6.91 16.22
N PHE A 147 -1.63 5.74 16.50
CA PHE A 147 -1.79 4.68 15.51
C PHE A 147 -3.10 4.82 14.71
N THR A 148 -3.00 4.63 13.37
CA THR A 148 -4.16 4.54 12.51
C THR A 148 -4.60 3.06 12.42
N LEU A 149 -5.81 2.83 11.86
CA LEU A 149 -6.33 1.49 11.61
C LEU A 149 -5.36 0.67 10.74
N ASP A 150 -4.67 1.33 9.81
CA ASP A 150 -3.92 0.66 8.74
C ASP A 150 -2.53 0.21 9.22
N GLY A 151 -2.04 0.75 10.33
CA GLY A 151 -0.73 0.38 10.85
C GLY A 151 0.30 1.49 10.72
N ASP A 152 -0.15 2.75 10.61
CA ASP A 152 0.74 3.89 10.49
C ASP A 152 0.70 4.76 11.75
N ILE A 153 1.60 5.74 11.75
CA ILE A 153 1.72 6.79 12.75
C ILE A 153 1.19 8.08 12.14
N LYS A 154 0.47 8.83 12.98
CA LYS A 154 0.29 10.26 12.80
C LYS A 154 0.70 10.98 14.08
N LEU A 155 1.51 12.04 13.90
CA LEU A 155 2.00 12.88 14.97
C LEU A 155 0.92 13.90 15.36
N ALA A 156 0.59 13.98 16.66
CA ALA A 156 -0.38 14.94 17.18
C ALA A 156 0.23 15.75 18.31
N ASP A 157 -0.61 16.56 18.97
CA ASP A 157 -0.24 17.39 20.12
C ASP A 157 -1.44 17.48 21.06
N PHE A 158 -1.49 16.62 22.07
CA PHE A 158 -2.62 16.57 23.00
C PHE A 158 -2.68 17.78 23.95
N GLY A 159 -1.61 18.60 24.03
CA GLY A 159 -1.48 19.66 25.03
C GLY A 159 -0.73 19.19 26.28
N SER A 173 3.45 30.04 36.30
CA SER A 173 4.69 29.83 35.50
C SER A 173 5.25 28.41 35.71
N PHE A 174 4.51 27.37 35.30
CA PHE A 174 4.75 25.97 35.69
C PHE A 174 5.82 25.36 34.79
N ILE A 175 6.64 24.46 35.33
CA ILE A 175 7.73 23.86 34.58
C ILE A 175 7.31 22.62 33.79
N GLY A 176 6.32 21.86 34.28
CA GLY A 176 5.87 20.65 33.62
C GLY A 176 6.73 19.41 33.94
N THR A 177 6.61 18.36 33.12
CA THR A 177 7.36 17.14 33.32
C THR A 177 8.70 17.25 32.58
N PRO A 178 9.82 16.87 33.23
CA PRO A 178 11.15 17.00 32.63
C PRO A 178 11.70 15.92 31.71
N TYR A 179 11.07 14.74 31.66
CA TYR A 179 11.74 13.54 31.12
C TYR A 179 12.21 13.72 29.66
N TRP A 180 11.51 14.53 28.87
CA TRP A 180 11.80 14.61 27.44
C TRP A 180 12.60 15.88 27.11
N MET A 181 12.89 16.70 28.12
CA MET A 181 13.59 17.97 27.93
C MET A 181 15.06 17.77 27.59
N ALA A 182 15.56 18.62 26.70
CA ALA A 182 16.92 18.56 26.24
C ALA A 182 17.81 19.31 27.22
N PRO A 183 19.09 18.89 27.34
CA PRO A 183 20.05 19.57 28.22
C PRO A 183 20.15 21.09 28.01
N GLU A 184 20.08 21.55 26.74
CA GLU A 184 20.29 22.96 26.45
C GLU A 184 19.10 23.81 26.92
N VAL A 185 17.91 23.20 26.98
CA VAL A 185 16.70 23.86 27.47
C VAL A 185 16.75 23.96 28.99
N VAL A 186 17.12 22.87 29.63
CA VAL A 186 17.24 22.83 31.12
C VAL A 186 18.33 23.80 31.55
N MET A 187 19.45 23.83 30.83
CA MET A 187 20.59 24.68 31.20
C MET A 187 20.41 26.08 30.59
N CYS A 188 19.26 26.34 29.97
CA CYS A 188 18.95 27.69 29.44
C CYS A 188 20.14 28.20 28.62
N GLU A 189 20.68 27.37 27.73
CA GLU A 189 21.83 27.75 26.88
C GLU A 189 21.33 28.19 25.51
N THR A 190 21.71 29.39 25.07
CA THR A 190 21.26 29.92 23.76
C THR A 190 22.36 30.80 23.16
N PRO A 195 20.05 29.94 18.00
CA PRO A 195 18.90 30.72 17.48
C PRO A 195 17.61 29.90 17.34
N TYR A 196 17.76 28.63 16.95
CA TYR A 196 16.65 27.74 16.69
C TYR A 196 16.74 26.53 17.63
N ASP A 197 15.61 25.88 17.94
CA ASP A 197 15.60 24.74 18.86
C ASP A 197 15.15 23.46 18.15
N TYR A 198 15.39 23.36 16.83
CA TYR A 198 15.10 22.13 16.09
C TYR A 198 15.77 20.93 16.75
N LYS A 199 17.01 21.10 17.23
CA LYS A 199 17.77 20.00 17.84
C LYS A 199 17.09 19.47 19.10
N ALA A 200 16.32 20.28 19.82
CA ALA A 200 15.69 19.84 21.05
C ALA A 200 14.63 18.79 20.73
N ASP A 201 13.94 18.93 19.59
CA ASP A 201 13.02 17.91 19.12
C ASP A 201 13.74 16.58 18.88
N VAL A 202 14.97 16.63 18.33
CA VAL A 202 15.76 15.42 18.05
C VAL A 202 16.11 14.67 19.35
N TRP A 203 16.54 15.41 20.38
CA TRP A 203 16.75 14.84 21.70
C TRP A 203 15.49 14.13 22.19
N SER A 204 14.35 14.83 22.15
CA SER A 204 13.08 14.26 22.59
C SER A 204 12.72 13.02 21.78
N LEU A 205 13.11 12.98 20.50
CA LEU A 205 12.90 11.79 19.68
C LEU A 205 13.67 10.62 20.29
N GLY A 206 14.91 10.87 20.73
CA GLY A 206 15.74 9.87 21.36
C GLY A 206 15.09 9.32 22.62
N ILE A 207 14.60 10.21 23.49
CA ILE A 207 13.92 9.83 24.72
C ILE A 207 12.67 9.02 24.42
N THR A 208 11.95 9.42 23.35
CA THR A 208 10.71 8.75 22.94
C THR A 208 10.99 7.30 22.53
N LEU A 209 12.09 7.07 21.81
CA LEU A 209 12.48 5.73 21.40
C LEU A 209 12.76 4.83 22.60
N ILE A 210 13.49 5.35 23.60
CA ILE A 210 13.74 4.56 24.79
C ILE A 210 12.41 4.30 25.51
N GLU A 211 11.52 5.32 25.50
CA GLU A 211 10.21 5.20 26.13
C GLU A 211 9.41 4.08 25.49
N MET A 212 9.54 3.91 24.18
CA MET A 212 8.85 2.84 23.46
C MET A 212 9.50 1.47 23.68
N ALA A 213 10.80 1.45 23.96
CA ALA A 213 11.52 0.23 24.26
C ALA A 213 11.28 -0.25 25.70
N GLU A 214 10.90 0.65 26.63
CA GLU A 214 10.84 0.31 28.06
C GLU A 214 9.55 0.75 28.74
N ILE A 215 8.54 1.20 27.97
CA ILE A 215 7.25 1.73 28.45
C ILE A 215 7.43 3.14 29.03
N GLU A 216 8.33 3.28 29.99
CA GLU A 216 8.53 4.50 30.73
C GLU A 216 9.77 5.17 30.14
N PRO A 217 9.88 6.53 30.16
CA PRO A 217 11.11 7.22 29.77
C PRO A 217 12.24 7.00 30.78
N PRO A 218 13.49 7.26 30.36
CA PRO A 218 14.63 7.15 31.26
C PRO A 218 14.45 8.05 32.48
N HIS A 219 14.94 7.58 33.62
CA HIS A 219 14.93 8.29 34.90
C HIS A 219 13.52 8.41 35.47
N HIS A 220 12.58 7.55 35.02
CA HIS A 220 11.19 7.60 35.46
C HIS A 220 11.06 7.35 36.97
N GLU A 221 11.98 6.53 37.53
CA GLU A 221 11.98 6.13 38.93
C GLU A 221 12.50 7.27 39.83
N LEU A 222 13.07 8.34 39.24
CA LEU A 222 13.64 9.45 40.01
C LEU A 222 12.60 10.55 40.22
N ASN A 223 12.72 11.23 41.36
CA ASN A 223 12.10 12.53 41.67
C ASN A 223 12.20 13.41 40.41
N PRO A 224 11.16 14.21 40.02
CA PRO A 224 11.32 15.09 38.83
C PRO A 224 12.46 16.13 38.93
N MET A 225 12.75 16.67 40.14
CA MET A 225 13.90 17.52 40.36
C MET A 225 15.21 16.79 40.05
N ARG A 226 15.37 15.55 40.52
CA ARG A 226 16.55 14.74 40.26
C ARG A 226 16.69 14.43 38.76
N VAL A 227 15.58 14.35 38.02
CA VAL A 227 15.63 14.17 36.57
C VAL A 227 16.23 15.41 35.87
N LEU A 228 15.86 16.62 36.33
CA LEU A 228 16.44 17.86 35.81
C LEU A 228 17.95 17.89 36.03
N LEU A 229 18.36 17.51 37.24
CA LEU A 229 19.76 17.45 37.60
C LEU A 229 20.47 16.51 36.62
N LYS A 230 19.88 15.34 36.39
CA LYS A 230 20.48 14.27 35.60
C LYS A 230 20.69 14.71 34.16
N ILE A 231 19.69 15.41 33.60
CA ILE A 231 19.70 15.89 32.23
C ILE A 231 20.81 16.94 32.04
N ALA A 232 20.94 17.86 33.00
CA ALA A 232 21.96 18.90 32.95
C ALA A 232 23.36 18.34 33.19
N LYS A 233 23.54 17.42 34.15
CA LYS A 233 24.87 17.12 34.67
C LYS A 233 25.39 15.75 34.20
N SER A 234 24.53 14.77 33.84
CA SER A 234 24.95 13.37 33.65
C SER A 234 25.25 13.00 32.19
N GLU A 235 25.81 11.79 31.99
CA GLU A 235 26.01 11.27 30.65
C GLU A 235 24.63 11.06 30.00
N PRO A 236 24.47 11.15 28.66
CA PRO A 236 23.17 10.94 28.03
C PRO A 236 22.51 9.67 28.54
N PRO A 237 21.16 9.62 28.60
CA PRO A 237 20.48 8.40 29.02
C PRO A 237 20.65 7.27 28.01
N THR A 238 20.59 6.02 28.52
CA THR A 238 20.86 4.82 27.74
C THR A 238 19.69 3.86 27.89
N LEU A 239 19.64 2.81 27.03
CA LEU A 239 18.76 1.68 27.24
C LEU A 239 19.21 0.93 28.49
N ALA A 240 18.22 0.41 29.24
CA ALA A 240 18.43 -0.35 30.46
C ALA A 240 19.18 -1.66 30.17
N GLN A 241 18.93 -2.27 29.01
CA GLN A 241 19.49 -3.57 28.64
C GLN A 241 20.06 -3.54 27.22
N PRO A 242 21.21 -2.87 26.95
CA PRO A 242 21.73 -2.74 25.59
C PRO A 242 21.87 -4.02 24.76
N SER A 243 22.11 -5.16 25.43
CA SER A 243 22.28 -6.45 24.78
C SER A 243 21.01 -6.96 24.08
N ARG A 244 19.84 -6.41 24.41
CA ARG A 244 18.57 -6.82 23.85
C ARG A 244 18.27 -6.13 22.51
N TRP A 245 19.10 -5.16 22.11
CA TRP A 245 18.80 -4.27 20.98
C TRP A 245 19.95 -4.28 19.98
N SER A 246 19.63 -4.06 18.69
CA SER A 246 20.60 -4.07 17.61
C SER A 246 21.53 -2.86 17.71
N SER A 247 22.66 -2.96 17.01
CA SER A 247 23.65 -1.90 16.99
CA SER A 247 23.66 -1.91 16.95
C SER A 247 23.11 -0.71 16.20
N ASN A 248 22.30 -0.96 15.17
CA ASN A 248 21.68 0.11 14.38
C ASN A 248 20.83 1.01 15.29
N PHE A 249 20.07 0.39 16.19
CA PHE A 249 19.16 1.11 17.06
C PHE A 249 19.94 1.95 18.06
N LYS A 250 20.85 1.31 18.80
CA LYS A 250 21.65 2.01 19.78
C LYS A 250 22.49 3.10 19.11
N ASP A 251 22.90 2.90 17.86
CA ASP A 251 23.69 3.91 17.15
C ASP A 251 22.81 5.10 16.80
N PHE A 252 21.58 4.82 16.34
CA PHE A 252 20.62 5.86 16.04
C PHE A 252 20.38 6.73 17.30
N LEU A 253 20.24 6.07 18.46
CA LEU A 253 20.07 6.74 19.75
C LEU A 253 21.23 7.68 20.05
N LYS A 254 22.48 7.25 19.83
CA LYS A 254 23.67 8.07 20.11
C LYS A 254 23.65 9.38 19.31
N LYS A 255 23.02 9.37 18.12
CA LYS A 255 22.95 10.54 17.26
C LYS A 255 21.87 11.53 17.72
N CYS A 256 20.81 11.01 18.33
CA CYS A 256 19.74 11.79 18.91
C CYS A 256 20.13 12.36 20.28
N LEU A 257 20.71 11.51 21.14
CA LEU A 257 20.98 11.77 22.55
C LEU A 257 22.44 12.16 22.77
N GLU A 258 22.84 13.19 22.01
CA GLU A 258 24.15 13.80 22.07
C GLU A 258 23.97 15.15 22.76
N LYS A 259 24.64 15.34 23.92
CA LYS A 259 24.49 16.57 24.70
C LYS A 259 25.10 17.80 24.00
N ASN A 260 26.14 17.65 23.19
CA ASN A 260 26.65 18.75 22.35
C ASN A 260 25.67 19.01 21.20
N VAL A 261 25.01 20.18 21.23
CA VAL A 261 23.94 20.51 20.30
C VAL A 261 24.44 20.44 18.85
N ASP A 262 25.69 20.83 18.60
CA ASP A 262 26.25 20.93 17.25
C ASP A 262 26.59 19.55 16.68
N ALA A 263 26.96 18.61 17.58
CA ALA A 263 27.26 17.24 17.21
C ALA A 263 25.98 16.42 17.02
N ARG A 264 24.87 16.83 17.66
CA ARG A 264 23.61 16.10 17.58
C ARG A 264 23.07 16.21 16.16
N TRP A 265 22.58 15.11 15.60
CA TRP A 265 22.24 15.12 14.18
C TRP A 265 20.94 15.91 13.93
N THR A 266 20.81 16.43 12.71
CA THR A 266 19.57 16.96 12.18
C THR A 266 18.70 15.79 11.72
N THR A 267 17.41 16.07 11.52
CA THR A 267 16.49 15.08 10.99
C THR A 267 16.91 14.69 9.56
N SER A 268 17.49 15.63 8.79
CA SER A 268 17.96 15.31 7.46
C SER A 268 19.14 14.32 7.53
N GLN A 269 20.04 14.49 8.48
CA GLN A 269 21.14 13.55 8.63
C GLN A 269 20.58 12.18 9.08
N LEU A 270 19.61 12.19 10.01
CA LEU A 270 19.06 10.96 10.58
C LEU A 270 18.33 10.15 9.52
N LEU A 271 17.72 10.82 8.53
CA LEU A 271 17.01 10.15 7.45
C LEU A 271 17.96 9.24 6.66
N GLN A 272 19.28 9.50 6.72
CA GLN A 272 20.27 8.72 6.01
C GLN A 272 20.73 7.54 6.85
N HIS A 273 20.26 7.43 8.10
CA HIS A 273 20.69 6.35 8.96
C HIS A 273 19.98 5.05 8.58
N PRO A 274 20.71 3.91 8.61
CA PRO A 274 20.13 2.61 8.27
C PRO A 274 18.96 2.18 9.14
N PHE A 275 18.89 2.65 10.39
CA PHE A 275 17.80 2.26 11.27
C PHE A 275 16.44 2.65 10.71
N VAL A 276 16.37 3.74 9.95
CA VAL A 276 15.09 4.18 9.40
C VAL A 276 14.95 3.82 7.91
N THR A 277 15.67 2.81 7.42
CA THR A 277 15.28 2.18 6.16
C THR A 277 14.24 1.09 6.46
N VAL A 278 12.94 1.40 6.27
CA VAL A 278 11.91 0.40 6.40
C VAL A 278 11.01 0.35 5.16
N ASP A 279 10.61 -0.87 4.77
CA ASP A 279 9.78 -1.09 3.60
C ASP A 279 8.35 -1.51 3.95
N SER A 280 8.04 -1.73 5.22
CA SER A 280 6.78 -2.34 5.64
C SER A 280 6.36 -1.85 7.03
N ASN A 281 5.05 -1.74 7.24
CA ASN A 281 4.48 -1.42 8.55
C ASN A 281 3.86 -2.67 9.21
N LYS A 282 4.27 -3.87 8.75
CA LYS A 282 3.64 -5.10 9.18
C LYS A 282 3.84 -5.28 10.70
N PRO A 283 5.01 -4.96 11.29
CA PRO A 283 5.17 -5.08 12.75
C PRO A 283 4.05 -4.40 13.55
N ILE A 284 3.56 -3.25 13.05
CA ILE A 284 2.53 -2.47 13.70
C ILE A 284 1.17 -3.10 13.43
N ARG A 285 0.90 -3.53 12.21
CA ARG A 285 -0.34 -4.23 11.92
C ARG A 285 -0.51 -5.47 12.82
N GLU A 286 0.58 -6.19 13.11
CA GLU A 286 0.56 -7.36 13.98
C GLU A 286 0.40 -6.95 15.44
N LEU A 287 0.97 -5.80 15.85
CA LEU A 287 0.79 -5.26 17.19
C LEU A 287 -0.68 -4.95 17.48
N ILE A 288 -1.40 -4.41 16.49
CA ILE A 288 -2.84 -4.12 16.57
C ILE A 288 -3.69 -5.39 16.53
N ALA A 289 -3.18 -6.46 15.92
CA ALA A 289 -3.84 -7.75 15.89
C ALA A 289 -3.72 -8.49 17.24
N GLU A 290 -2.63 -8.26 17.99
CA GLU A 290 -2.49 -8.74 19.35
C GLU A 290 -3.43 -7.99 20.28
N ALA A 291 -3.48 -6.67 20.13
CA ALA A 291 -4.33 -5.81 20.96
C ALA A 291 -5.81 -6.17 20.76
N LYS A 292 -6.23 -6.41 19.50
CA LYS A 292 -7.63 -6.74 19.22
C LYS A 292 -7.99 -8.11 19.82
N ALA A 293 -7.02 -9.01 20.05
CA ALA A 293 -7.32 -10.32 20.65
C ALA A 293 -7.47 -10.21 22.19
N SER B 1 4.23 -39.20 4.04
CA SER B 1 2.98 -39.98 3.90
C SER B 1 2.11 -39.36 2.82
N MET B 2 2.02 -38.03 2.81
CA MET B 2 1.21 -37.33 1.78
C MET B 2 1.94 -37.37 0.45
N LYS B 3 1.22 -37.64 -0.62
CA LYS B 3 1.88 -37.78 -1.93
C LYS B 3 1.16 -36.95 -2.99
N GLN B 4 1.91 -36.15 -3.73
CA GLN B 4 1.29 -35.46 -4.87
C GLN B 4 1.71 -36.08 -6.20
N TYR B 5 0.70 -36.54 -6.97
CA TYR B 5 0.90 -37.06 -8.30
C TYR B 5 1.30 -35.93 -9.26
N GLU B 6 1.86 -36.31 -10.41
CA GLU B 6 2.39 -35.40 -11.41
C GLU B 6 1.27 -34.64 -12.11
N HIS B 7 1.61 -33.41 -12.50
CA HIS B 7 0.67 -32.50 -13.14
C HIS B 7 0.61 -32.72 -14.65
N VAL B 8 1.49 -33.57 -15.20
CA VAL B 8 1.56 -33.76 -16.64
C VAL B 8 1.06 -35.17 -16.95
N LYS B 9 0.06 -35.26 -17.85
CA LYS B 9 -0.42 -36.53 -18.38
C LYS B 9 0.60 -37.10 -19.38
N ARG B 10 0.61 -38.44 -19.53
CA ARG B 10 1.71 -39.12 -20.23
C ARG B 10 1.29 -40.03 -21.39
N ASP B 11 0.45 -41.05 -21.17
CA ASP B 11 0.20 -42.02 -22.24
C ASP B 11 -0.97 -41.56 -23.12
N LEU B 12 -1.14 -40.24 -23.33
CA LEU B 12 -2.40 -39.69 -23.83
C LEU B 12 -2.15 -38.57 -24.84
N ASN B 13 -2.90 -38.63 -25.94
CA ASN B 13 -2.90 -37.60 -26.98
C ASN B 13 -3.70 -36.38 -26.50
N PRO B 14 -3.08 -35.19 -26.42
CA PRO B 14 -3.80 -33.97 -26.05
C PRO B 14 -5.02 -33.69 -26.92
N GLU B 15 -4.98 -34.06 -28.20
CA GLU B 15 -6.03 -33.71 -29.14
C GLU B 15 -7.20 -34.69 -29.07
N ASP B 16 -7.10 -35.73 -28.23
CA ASP B 16 -8.24 -36.51 -27.80
C ASP B 16 -9.18 -35.64 -26.94
N PHE B 17 -8.62 -34.63 -26.23
CA PHE B 17 -9.37 -33.83 -25.26
C PHE B 17 -9.50 -32.36 -25.65
N TRP B 18 -8.60 -31.83 -26.51
CA TRP B 18 -8.64 -30.43 -26.92
C TRP B 18 -8.51 -30.31 -28.44
N GLU B 19 -9.41 -29.51 -29.04
CA GLU B 19 -9.37 -29.14 -30.45
C GLU B 19 -8.59 -27.84 -30.60
N ILE B 20 -7.60 -27.80 -31.51
CA ILE B 20 -7.02 -26.52 -31.93
C ILE B 20 -8.02 -25.84 -32.87
N ILE B 21 -8.46 -24.64 -32.49
CA ILE B 21 -9.25 -23.80 -33.36
C ILE B 21 -8.28 -23.12 -34.32
N GLY B 22 -7.49 -22.20 -33.76
CA GLY B 22 -6.68 -21.30 -34.55
C GLY B 22 -5.43 -20.86 -33.79
N GLU B 23 -4.80 -19.79 -34.29
CA GLU B 23 -3.55 -19.31 -33.76
C GLU B 23 -3.82 -17.94 -33.12
N LEU B 24 -3.09 -17.63 -32.04
CA LEU B 24 -3.32 -16.39 -31.31
C LEU B 24 -2.13 -15.44 -31.52
N GLY B 25 -0.92 -15.97 -31.31
CA GLY B 25 0.30 -15.18 -31.39
C GLY B 25 1.40 -15.93 -32.13
N ASP B 26 2.23 -15.16 -32.85
CA ASP B 26 3.38 -15.71 -33.56
C ASP B 26 4.57 -14.82 -33.24
N GLY B 27 4.57 -14.23 -32.04
CA GLY B 27 5.65 -13.35 -31.59
C GLY B 27 6.95 -14.12 -31.37
N ALA B 28 7.96 -13.43 -30.82
CA ALA B 28 9.31 -13.98 -30.68
C ALA B 28 9.37 -15.09 -29.61
N PHE B 29 8.23 -15.53 -29.07
CA PHE B 29 8.17 -16.50 -27.97
C PHE B 29 7.79 -17.90 -28.45
N GLY B 30 7.41 -18.04 -29.73
CA GLY B 30 6.85 -19.27 -30.27
C GLY B 30 5.42 -19.08 -30.79
N LYS B 31 4.79 -20.20 -31.13
CA LYS B 31 3.37 -20.24 -31.48
C LYS B 31 2.54 -20.49 -30.22
N VAL B 32 1.54 -19.63 -29.98
CA VAL B 32 0.47 -19.87 -29.03
C VAL B 32 -0.83 -20.17 -29.79
N TYR B 33 -1.49 -21.28 -29.42
CA TYR B 33 -2.70 -21.76 -30.09
C TYR B 33 -3.93 -21.45 -29.23
N LYS B 34 -5.09 -21.44 -29.89
CA LYS B 34 -6.36 -21.35 -29.21
C LYS B 34 -7.00 -22.74 -29.25
N ALA B 35 -7.43 -23.23 -28.10
CA ALA B 35 -7.97 -24.58 -28.02
C ALA B 35 -9.32 -24.55 -27.32
N GLN B 36 -10.12 -25.57 -27.59
CA GLN B 36 -11.45 -25.72 -27.02
C GLN B 36 -11.59 -27.15 -26.53
N ASN B 37 -12.01 -27.31 -25.29
CA ASN B 37 -12.13 -28.63 -24.69
C ASN B 37 -13.24 -29.36 -25.42
N LYS B 38 -12.98 -30.58 -25.89
CA LYS B 38 -13.96 -31.34 -26.67
C LYS B 38 -15.15 -31.78 -25.80
N GLU B 39 -15.01 -31.91 -24.47
CA GLU B 39 -16.08 -32.41 -23.60
CA GLU B 39 -16.08 -32.40 -23.61
C GLU B 39 -16.77 -31.29 -22.83
N THR B 40 -16.06 -30.17 -22.52
CA THR B 40 -16.62 -29.10 -21.72
C THR B 40 -16.82 -27.80 -22.51
N SER B 41 -16.14 -27.62 -23.65
CA SER B 41 -16.26 -26.42 -24.48
C SER B 41 -15.48 -25.23 -23.91
N VAL B 42 -14.77 -25.44 -22.80
CA VAL B 42 -13.90 -24.44 -22.20
C VAL B 42 -12.81 -24.04 -23.21
N LEU B 43 -12.45 -22.75 -23.20
CA LEU B 43 -11.42 -22.20 -24.07
C LEU B 43 -10.09 -22.14 -23.33
N ALA B 44 -9.01 -22.48 -24.04
CA ALA B 44 -7.66 -22.40 -23.49
C ALA B 44 -6.75 -21.70 -24.49
N ALA B 45 -5.66 -21.12 -23.98
CA ALA B 45 -4.48 -20.88 -24.77
C ALA B 45 -3.55 -22.08 -24.58
N ALA B 46 -2.95 -22.53 -25.69
CA ALA B 46 -2.11 -23.72 -25.68
C ALA B 46 -0.73 -23.37 -26.23
N LYS B 47 0.31 -23.93 -25.62
CA LYS B 47 1.66 -23.81 -26.11
C LYS B 47 2.16 -25.24 -26.29
N VAL B 48 2.73 -25.53 -27.45
CA VAL B 48 3.27 -26.85 -27.75
C VAL B 48 4.79 -26.68 -27.87
N ILE B 49 5.51 -26.95 -26.78
CA ILE B 49 6.94 -26.67 -26.76
C ILE B 49 7.72 -27.98 -26.99
N ASP B 50 8.67 -27.93 -27.92
CA ASP B 50 9.51 -29.07 -28.30
C ASP B 50 10.50 -29.34 -27.15
N THR B 51 10.44 -30.53 -26.55
CA THR B 51 11.28 -30.79 -25.39
C THR B 51 12.71 -31.05 -25.86
N LYS B 52 12.92 -32.22 -26.48
CA LYS B 52 14.22 -32.68 -26.97
C LYS B 52 15.16 -32.98 -25.80
N SER B 53 15.76 -31.93 -25.20
CA SER B 53 16.61 -32.09 -24.01
C SER B 53 15.75 -32.58 -22.85
N GLU B 54 16.07 -33.76 -22.26
CA GLU B 54 15.38 -34.27 -21.09
C GLU B 54 15.66 -33.38 -19.86
N GLU B 55 16.80 -32.66 -19.88
CA GLU B 55 17.17 -31.72 -18.83
C GLU B 55 16.34 -30.44 -18.93
N GLU B 56 15.81 -30.15 -20.14
CA GLU B 56 14.95 -29.00 -20.38
C GLU B 56 13.52 -29.31 -19.93
N LEU B 57 13.05 -30.55 -20.14
CA LEU B 57 11.72 -31.01 -19.72
C LEU B 57 11.55 -30.86 -18.20
N GLU B 58 12.59 -31.24 -17.43
CA GLU B 58 12.56 -31.08 -15.99
C GLU B 58 12.51 -29.58 -15.65
N ASP B 59 13.19 -28.72 -16.43
CA ASP B 59 13.21 -27.29 -16.17
C ASP B 59 11.81 -26.70 -16.39
N TYR B 60 11.06 -27.21 -17.39
CA TYR B 60 9.71 -26.72 -17.65
C TYR B 60 8.75 -27.25 -16.60
N MET B 61 8.92 -28.53 -16.23
CA MET B 61 8.03 -29.21 -15.28
C MET B 61 8.01 -28.45 -13.95
N VAL B 62 9.14 -27.78 -13.63
CA VAL B 62 9.25 -27.02 -12.40
C VAL B 62 8.32 -25.80 -12.49
N GLU B 63 8.34 -25.12 -13.64
CA GLU B 63 7.48 -23.97 -13.84
C GLU B 63 6.01 -24.40 -13.86
N ILE B 64 5.70 -25.60 -14.39
CA ILE B 64 4.33 -26.10 -14.43
C ILE B 64 3.82 -26.37 -13.02
N ASP B 65 4.66 -26.98 -12.15
CA ASP B 65 4.26 -27.26 -10.77
C ASP B 65 3.91 -25.98 -10.02
N ILE B 66 4.70 -24.91 -10.21
CA ILE B 66 4.46 -23.64 -9.54
C ILE B 66 3.11 -23.11 -9.98
N LEU B 67 2.84 -23.16 -11.29
CA LEU B 67 1.60 -22.64 -11.84
C LEU B 67 0.39 -23.45 -11.34
N ALA B 68 0.55 -24.79 -11.28
CA ALA B 68 -0.52 -25.70 -10.86
C ALA B 68 -0.92 -25.48 -9.41
N SER B 69 0.05 -25.05 -8.57
CA SER B 69 -0.17 -24.89 -7.14
C SER B 69 -0.79 -23.51 -6.81
N CYS B 70 -0.75 -22.58 -7.76
CA CYS B 70 -1.30 -21.25 -7.57
C CYS B 70 -2.81 -21.27 -7.77
N ASP B 71 -3.51 -20.53 -6.90
CA ASP B 71 -4.94 -20.40 -6.93
C ASP B 71 -5.31 -18.96 -6.55
N HIS B 72 -5.31 -18.07 -7.56
CA HIS B 72 -5.65 -16.67 -7.37
C HIS B 72 -6.41 -16.19 -8.61
N PRO B 73 -7.48 -15.38 -8.46
CA PRO B 73 -8.26 -14.91 -9.62
C PRO B 73 -7.48 -14.08 -10.64
N ASN B 74 -6.33 -13.54 -10.23
CA ASN B 74 -5.53 -12.61 -11.05
C ASN B 74 -4.27 -13.29 -11.55
N ILE B 75 -4.20 -14.61 -11.36
CA ILE B 75 -3.12 -15.42 -11.91
C ILE B 75 -3.74 -16.48 -12.80
N VAL B 76 -3.14 -16.62 -13.96
CA VAL B 76 -3.66 -17.46 -15.02
C VAL B 76 -3.58 -18.91 -14.52
N LYS B 77 -4.64 -19.69 -14.74
CA LYS B 77 -4.76 -21.05 -14.26
C LYS B 77 -4.33 -22.05 -15.32
N LEU B 78 -3.59 -23.07 -14.85
CA LEU B 78 -3.28 -24.25 -15.62
C LEU B 78 -4.52 -25.13 -15.71
N LEU B 79 -4.98 -25.37 -16.95
CA LEU B 79 -6.12 -26.23 -17.19
C LEU B 79 -5.68 -27.65 -17.51
N ASP B 80 -4.48 -27.83 -18.09
CA ASP B 80 -4.02 -29.15 -18.49
C ASP B 80 -2.56 -29.11 -18.95
N ALA B 81 -1.89 -30.28 -18.83
CA ALA B 81 -0.55 -30.43 -19.35
C ALA B 81 -0.33 -31.88 -19.78
N PHE B 82 0.33 -32.06 -20.93
CA PHE B 82 0.57 -33.35 -21.53
C PHE B 82 2.01 -33.45 -22.03
N TYR B 83 2.59 -34.64 -21.91
CA TYR B 83 3.79 -35.01 -22.63
C TYR B 83 3.39 -36.10 -23.62
N TYR B 84 3.47 -35.80 -24.93
CA TYR B 84 3.05 -36.73 -25.97
C TYR B 84 3.90 -36.52 -27.23
N GLU B 85 4.38 -37.62 -27.83
CA GLU B 85 5.24 -37.62 -29.00
C GLU B 85 6.26 -36.50 -28.91
N ASN B 86 6.98 -36.43 -27.79
CA ASN B 86 8.13 -35.54 -27.56
C ASN B 86 7.76 -34.07 -27.57
N ASN B 87 6.47 -33.76 -27.41
CA ASN B 87 6.04 -32.38 -27.20
C ASN B 87 5.44 -32.22 -25.81
N LEU B 88 5.61 -31.02 -25.25
CA LEU B 88 4.98 -30.65 -23.99
C LEU B 88 3.90 -29.63 -24.29
N TRP B 89 2.61 -30.03 -24.12
CA TRP B 89 1.48 -29.13 -24.24
C TRP B 89 1.15 -28.55 -22.87
N ILE B 90 1.03 -27.21 -22.84
CA ILE B 90 0.58 -26.45 -21.71
C ILE B 90 -0.72 -25.75 -22.12
N LEU B 91 -1.81 -25.98 -21.36
CA LEU B 91 -3.07 -25.31 -21.61
C LEU B 91 -3.46 -24.49 -20.39
N ILE B 92 -3.67 -23.20 -20.61
CA ILE B 92 -3.99 -22.27 -19.54
C ILE B 92 -5.26 -21.49 -19.90
N GLU B 93 -5.90 -20.85 -18.89
CA GLU B 93 -7.18 -20.21 -19.12
C GLU B 93 -7.02 -19.11 -20.16
N PHE B 94 -7.94 -19.13 -21.11
CA PHE B 94 -8.02 -18.19 -22.21
C PHE B 94 -8.50 -16.85 -21.68
N CYS B 95 -7.77 -15.79 -22.04
CA CYS B 95 -8.05 -14.41 -21.66
C CYS B 95 -8.33 -13.59 -22.93
N ALA B 96 -9.62 -13.36 -23.19
CA ALA B 96 -10.13 -12.94 -24.50
C ALA B 96 -9.60 -11.57 -24.94
N GLY B 97 -9.37 -10.66 -23.99
CA GLY B 97 -8.91 -9.30 -24.27
C GLY B 97 -7.46 -9.22 -24.77
N GLY B 98 -6.68 -10.28 -24.54
CA GLY B 98 -5.28 -10.33 -24.95
C GLY B 98 -4.39 -9.52 -24.01
N ALA B 99 -3.11 -9.38 -24.40
CA ALA B 99 -2.12 -8.68 -23.60
C ALA B 99 -2.31 -7.16 -23.68
N VAL B 100 -1.85 -6.48 -22.62
CA VAL B 100 -1.99 -5.03 -22.50
C VAL B 100 -1.14 -4.31 -23.57
N ASP B 101 0.04 -4.85 -23.92
CA ASP B 101 0.90 -4.21 -24.91
C ASP B 101 0.24 -4.24 -26.31
N ALA B 102 -0.31 -5.39 -26.69
CA ALA B 102 -1.08 -5.53 -27.93
C ALA B 102 -2.27 -4.58 -28.01
N VAL B 103 -2.95 -4.30 -26.88
CA VAL B 103 -4.08 -3.40 -26.88
C VAL B 103 -3.58 -1.98 -27.19
N MET B 104 -2.47 -1.57 -26.54
CA MET B 104 -1.86 -0.27 -26.77
C MET B 104 -1.38 -0.10 -28.22
N LEU B 105 -0.81 -1.16 -28.81
CA LEU B 105 -0.31 -1.08 -30.18
C LEU B 105 -1.48 -1.07 -31.18
N GLU B 106 -2.53 -1.88 -30.94
CA GLU B 106 -3.71 -1.87 -31.79
C GLU B 106 -4.39 -0.49 -31.73
N LEU B 107 -4.65 0.06 -30.54
CA LEU B 107 -5.30 1.36 -30.37
C LEU B 107 -4.35 2.54 -30.63
N GLU B 108 -3.03 2.32 -30.56
CA GLU B 108 -2.02 3.36 -30.79
C GLU B 108 -2.12 4.44 -29.72
N ARG B 109 -2.49 4.04 -28.49
CA ARG B 109 -2.68 4.97 -27.39
C ARG B 109 -2.20 4.29 -26.10
N PRO B 110 -1.64 5.04 -25.12
CA PRO B 110 -1.35 4.47 -23.81
C PRO B 110 -2.67 4.27 -23.06
N LEU B 111 -2.60 3.68 -21.87
CA LEU B 111 -3.76 3.58 -21.01
C LEU B 111 -3.95 4.94 -20.33
N THR B 112 -5.19 5.19 -19.90
CA THR B 112 -5.49 6.32 -19.02
C THR B 112 -5.03 5.98 -17.61
N GLU B 113 -4.91 7.00 -16.75
CA GLU B 113 -4.56 6.79 -15.35
C GLU B 113 -5.60 5.90 -14.67
N SER B 114 -6.90 6.12 -14.97
CA SER B 114 -7.97 5.29 -14.44
C SER B 114 -7.77 3.80 -14.79
N GLN B 115 -7.40 3.52 -16.04
CA GLN B 115 -7.16 2.16 -16.51
C GLN B 115 -5.90 1.59 -15.85
N ILE B 116 -4.82 2.39 -15.75
CA ILE B 116 -3.59 1.95 -15.12
C ILE B 116 -3.89 1.55 -13.68
N GLN B 117 -4.80 2.28 -13.06
CA GLN B 117 -5.09 2.11 -11.65
C GLN B 117 -5.68 0.74 -11.38
N VAL B 118 -6.64 0.34 -12.22
CA VAL B 118 -7.26 -0.97 -12.14
C VAL B 118 -6.22 -2.07 -12.39
N VAL B 119 -5.35 -1.88 -13.40
CA VAL B 119 -4.39 -2.92 -13.76
C VAL B 119 -3.37 -3.06 -12.64
N CYS B 120 -2.94 -1.91 -12.11
CA CYS B 120 -1.96 -1.87 -11.04
C CYS B 120 -2.47 -2.61 -9.81
N LYS B 121 -3.72 -2.35 -9.43
CA LYS B 121 -4.30 -2.95 -8.24
C LYS B 121 -4.44 -4.46 -8.43
N GLN B 122 -4.97 -4.90 -9.57
CA GLN B 122 -5.18 -6.32 -9.77
C GLN B 122 -3.83 -7.04 -9.90
N THR B 123 -2.87 -6.44 -10.62
CA THR B 123 -1.56 -7.04 -10.83
C THR B 123 -0.84 -7.15 -9.49
N LEU B 124 -1.02 -6.14 -8.65
CA LEU B 124 -0.41 -6.11 -7.33
C LEU B 124 -1.04 -7.17 -6.42
N ASP B 125 -2.34 -7.45 -6.57
CA ASP B 125 -2.93 -8.56 -5.81
C ASP B 125 -2.27 -9.88 -6.23
N ALA B 126 -2.08 -10.10 -7.54
CA ALA B 126 -1.40 -11.29 -8.05
C ALA B 126 0.03 -11.43 -7.51
N LEU B 127 0.79 -10.34 -7.57
CA LEU B 127 2.21 -10.36 -7.23
C LEU B 127 2.36 -10.58 -5.73
N ASN B 128 1.49 -9.95 -4.97
CA ASN B 128 1.51 -10.08 -3.53
C ASN B 128 1.23 -11.51 -3.13
N TYR B 129 0.32 -12.18 -3.83
CA TYR B 129 0.05 -13.59 -3.58
C TYR B 129 1.27 -14.46 -3.89
N LEU B 130 1.91 -14.22 -5.05
CA LEU B 130 3.17 -14.88 -5.39
C LEU B 130 4.19 -14.71 -4.27
N HIS B 131 4.45 -13.46 -3.86
CA HIS B 131 5.48 -13.18 -2.87
C HIS B 131 5.15 -13.85 -1.55
N ASP B 132 3.87 -13.92 -1.24
CA ASP B 132 3.39 -14.51 0.00
C ASP B 132 3.71 -16.00 0.03
N ASN B 133 3.75 -16.64 -1.16
CA ASN B 133 3.99 -18.06 -1.33
C ASN B 133 5.42 -18.35 -1.79
N LYS B 134 6.32 -17.35 -1.61
CA LYS B 134 7.76 -17.46 -1.87
C LYS B 134 8.05 -17.68 -3.35
N ILE B 135 7.27 -17.05 -4.23
CA ILE B 135 7.45 -17.11 -5.67
C ILE B 135 7.73 -15.71 -6.21
N ILE B 136 8.73 -15.62 -7.11
CA ILE B 136 8.99 -14.41 -7.85
C ILE B 136 8.57 -14.65 -9.30
N HIS B 137 7.98 -13.60 -9.90
CA HIS B 137 7.58 -13.66 -11.29
C HIS B 137 8.80 -13.58 -12.22
N ARG B 138 9.63 -12.55 -12.03
CA ARG B 138 10.91 -12.34 -12.71
C ARG B 138 10.78 -11.69 -14.09
N ASP B 139 9.58 -11.56 -14.65
CA ASP B 139 9.49 -11.01 -15.99
C ASP B 139 8.21 -10.18 -16.10
N LEU B 140 7.98 -9.36 -15.11
CA LEU B 140 6.77 -8.57 -15.07
C LEU B 140 6.93 -7.41 -16.06
N LYS B 141 6.03 -7.39 -17.03
CA LYS B 141 5.99 -6.35 -18.07
C LYS B 141 4.58 -6.33 -18.63
N ALA B 142 4.26 -5.34 -19.46
CA ALA B 142 2.89 -5.18 -19.92
C ALA B 142 2.47 -6.35 -20.82
N GLY B 143 3.44 -6.96 -21.54
CA GLY B 143 3.15 -8.10 -22.39
C GLY B 143 2.72 -9.36 -21.63
N ASN B 144 2.89 -9.37 -20.28
CA ASN B 144 2.55 -10.51 -19.45
C ASN B 144 1.33 -10.25 -18.58
N ILE B 145 0.61 -9.16 -18.87
CA ILE B 145 -0.65 -8.88 -18.20
C ILE B 145 -1.77 -9.00 -19.26
N LEU B 146 -2.74 -9.87 -18.99
CA LEU B 146 -3.77 -10.24 -19.95
C LEU B 146 -5.12 -9.74 -19.45
N PHE B 147 -5.95 -9.27 -20.39
CA PHE B 147 -7.33 -8.87 -20.10
C PHE B 147 -8.29 -10.04 -20.32
N THR B 148 -9.24 -10.23 -19.39
CA THR B 148 -10.37 -11.13 -19.56
C THR B 148 -11.52 -10.40 -20.27
N LEU B 149 -12.52 -11.17 -20.74
CA LEU B 149 -13.73 -10.61 -21.34
C LEU B 149 -14.45 -9.66 -20.37
N ASP B 150 -14.37 -9.92 -19.05
CA ASP B 150 -15.17 -9.20 -18.06
C ASP B 150 -14.56 -7.87 -17.63
N GLY B 151 -13.27 -7.66 -17.92
CA GLY B 151 -12.60 -6.41 -17.58
C GLY B 151 -11.58 -6.57 -16.46
N ASP B 152 -11.08 -7.81 -16.25
CA ASP B 152 -10.09 -8.07 -15.22
C ASP B 152 -8.73 -8.41 -15.83
N ILE B 153 -7.74 -8.52 -14.93
CA ILE B 153 -6.37 -8.81 -15.25
C ILE B 153 -6.09 -10.25 -14.78
N LYS B 154 -5.33 -10.98 -15.61
CA LYS B 154 -4.65 -12.18 -15.18
C LYS B 154 -3.18 -12.07 -15.61
N LEU B 155 -2.29 -12.33 -14.65
CA LEU B 155 -0.85 -12.31 -14.84
C LEU B 155 -0.42 -13.66 -15.44
N ALA B 156 0.35 -13.59 -16.54
CA ALA B 156 0.86 -14.77 -17.22
C ALA B 156 2.36 -14.63 -17.44
N ASP B 157 2.95 -15.56 -18.23
CA ASP B 157 4.37 -15.61 -18.55
C ASP B 157 4.56 -16.17 -19.96
N PHE B 158 4.68 -15.29 -20.96
CA PHE B 158 4.81 -15.72 -22.36
C PHE B 158 6.18 -16.33 -22.68
N GLY B 159 7.17 -16.27 -21.80
CA GLY B 159 8.45 -16.94 -22.01
C GLY B 159 9.52 -15.97 -22.49
N SER B 173 24.64 -17.59 -23.71
CA SER B 173 24.25 -16.95 -22.42
C SER B 173 23.84 -15.49 -22.67
N PHE B 174 22.62 -15.30 -23.23
CA PHE B 174 22.11 -14.01 -23.67
C PHE B 174 21.62 -13.21 -22.47
N ILE B 175 21.75 -11.87 -22.52
CA ILE B 175 21.28 -11.02 -21.42
C ILE B 175 19.80 -10.68 -21.55
N GLY B 176 19.28 -10.62 -22.78
CA GLY B 176 17.89 -10.27 -23.01
C GLY B 176 17.68 -8.76 -23.07
N THR B 177 16.42 -8.34 -22.93
CA THR B 177 16.05 -6.94 -23.03
C THR B 177 16.16 -6.31 -21.65
N PRO B 178 16.82 -5.12 -21.55
CA PRO B 178 17.12 -4.53 -20.25
C PRO B 178 16.08 -3.65 -19.56
N TYR B 179 15.04 -3.21 -20.28
CA TYR B 179 14.22 -2.08 -19.85
C TYR B 179 13.58 -2.29 -18.48
N TRP B 180 13.28 -3.54 -18.11
CA TRP B 180 12.51 -3.80 -16.89
C TRP B 180 13.40 -4.24 -15.74
N MET B 181 14.71 -4.36 -16.00
CA MET B 181 15.66 -4.89 -15.04
C MET B 181 15.91 -3.90 -13.89
N ALA B 182 16.06 -4.44 -12.69
CA ALA B 182 16.27 -3.67 -11.48
C ALA B 182 17.76 -3.36 -11.35
N PRO B 183 18.11 -2.21 -10.73
CA PRO B 183 19.52 -1.83 -10.52
C PRO B 183 20.37 -2.89 -9.84
N GLU B 184 19.81 -3.62 -8.87
CA GLU B 184 20.58 -4.57 -8.09
C GLU B 184 20.91 -5.82 -8.93
N VAL B 185 20.05 -6.12 -9.92
CA VAL B 185 20.29 -7.21 -10.85
C VAL B 185 21.39 -6.85 -11.85
N VAL B 186 21.31 -5.63 -12.40
CA VAL B 186 22.31 -5.10 -13.32
C VAL B 186 23.67 -4.97 -12.63
N MET B 187 23.68 -4.46 -11.37
CA MET B 187 24.91 -4.25 -10.62
C MET B 187 25.35 -5.53 -9.89
N CYS B 188 24.59 -6.62 -10.10
CA CYS B 188 24.97 -7.95 -9.55
C CYS B 188 25.17 -7.86 -8.03
N GLU B 189 24.25 -7.19 -7.34
CA GLU B 189 24.34 -7.07 -5.88
C GLU B 189 23.53 -8.21 -5.27
N THR B 190 24.22 -9.22 -4.74
CA THR B 190 23.54 -10.41 -4.17
C THR B 190 23.54 -10.30 -2.64
N PRO B 195 19.42 -11.80 -0.26
CA PRO B 195 19.13 -13.25 -0.42
C PRO B 195 18.01 -13.59 -1.41
N TYR B 196 16.94 -12.79 -1.42
CA TYR B 196 15.77 -13.02 -2.24
C TYR B 196 15.57 -11.82 -3.18
N ASP B 197 14.88 -12.01 -4.31
CA ASP B 197 14.74 -10.96 -5.31
C ASP B 197 13.27 -10.55 -5.48
N TYR B 198 12.46 -10.66 -4.41
CA TYR B 198 11.09 -10.17 -4.43
C TYR B 198 11.05 -8.69 -4.84
N LYS B 199 12.03 -7.90 -4.35
CA LYS B 199 11.99 -6.46 -4.62
C LYS B 199 12.22 -6.16 -6.11
N ALA B 200 12.90 -7.05 -6.84
CA ALA B 200 13.13 -6.80 -8.27
C ALA B 200 11.82 -6.82 -9.03
N ASP B 201 10.86 -7.65 -8.61
CA ASP B 201 9.52 -7.66 -9.19
C ASP B 201 8.84 -6.32 -8.97
N VAL B 202 9.03 -5.70 -7.77
CA VAL B 202 8.42 -4.40 -7.45
C VAL B 202 8.95 -3.30 -8.38
N TRP B 203 10.26 -3.27 -8.59
CA TRP B 203 10.87 -2.37 -9.56
C TRP B 203 10.24 -2.54 -10.94
N SER B 204 10.17 -3.79 -11.41
CA SER B 204 9.60 -4.07 -12.73
C SER B 204 8.15 -3.63 -12.79
N LEU B 205 7.42 -3.69 -11.66
CA LEU B 205 6.05 -3.20 -11.61
C LEU B 205 6.06 -1.70 -11.91
N GLY B 206 7.03 -0.97 -11.34
CA GLY B 206 7.16 0.46 -11.57
C GLY B 206 7.40 0.78 -13.05
N ILE B 207 8.32 0.04 -13.68
CA ILE B 207 8.62 0.20 -15.09
C ILE B 207 7.38 -0.10 -15.94
N THR B 208 6.62 -1.13 -15.54
CA THR B 208 5.43 -1.57 -16.26
C THR B 208 4.36 -0.48 -16.25
N LEU B 209 4.19 0.20 -15.11
CA LEU B 209 3.25 1.31 -15.01
C LEU B 209 3.59 2.47 -15.96
N ILE B 210 4.87 2.82 -16.05
CA ILE B 210 5.28 3.86 -16.98
C ILE B 210 5.06 3.35 -18.40
N GLU B 211 5.31 2.06 -18.63
CA GLU B 211 5.11 1.45 -19.95
C GLU B 211 3.65 1.56 -20.37
N MET B 212 2.72 1.43 -19.42
CA MET B 212 1.31 1.54 -19.71
C MET B 212 0.86 3.00 -19.88
N ALA B 213 1.59 3.93 -19.23
CA ALA B 213 1.31 5.35 -19.38
C ALA B 213 1.85 5.92 -20.71
N GLU B 214 2.88 5.30 -21.32
CA GLU B 214 3.59 5.89 -22.45
C GLU B 214 3.77 4.92 -23.60
N ILE B 215 3.13 3.73 -23.57
CA ILE B 215 3.23 2.67 -24.57
C ILE B 215 4.56 1.91 -24.44
N GLU B 216 5.66 2.66 -24.51
CA GLU B 216 7.00 2.12 -24.48
C GLU B 216 7.53 2.27 -23.06
N PRO B 217 8.45 1.39 -22.59
CA PRO B 217 9.12 1.60 -21.30
C PRO B 217 10.11 2.75 -21.32
N PRO B 218 10.48 3.28 -20.14
CA PRO B 218 11.48 4.36 -20.08
C PRO B 218 12.78 3.93 -20.75
N HIS B 219 13.44 4.91 -21.39
CA HIS B 219 14.72 4.76 -22.06
C HIS B 219 14.59 3.90 -23.31
N HIS B 220 13.38 3.77 -23.87
CA HIS B 220 13.13 2.98 -25.07
C HIS B 220 13.90 3.49 -26.28
N GLU B 221 14.15 4.82 -26.33
CA GLU B 221 14.82 5.49 -27.44
C GLU B 221 16.33 5.26 -27.38
N LEU B 222 16.86 4.71 -26.27
CA LEU B 222 18.29 4.50 -26.08
C LEU B 222 18.70 3.10 -26.54
N ASN B 223 19.94 3.01 -27.05
CA ASN B 223 20.67 1.77 -27.26
C ASN B 223 20.50 0.87 -26.02
N PRO B 224 20.31 -0.47 -26.15
CA PRO B 224 20.15 -1.34 -24.99
C PRO B 224 21.31 -1.31 -23.95
N MET B 225 22.56 -1.16 -24.43
CA MET B 225 23.72 -1.01 -23.55
C MET B 225 23.60 0.26 -22.70
N ARG B 226 23.20 1.38 -23.34
CA ARG B 226 23.02 2.65 -22.65
C ARG B 226 21.89 2.57 -21.62
N VAL B 227 20.88 1.73 -21.87
CA VAL B 227 19.80 1.49 -20.91
C VAL B 227 20.35 0.82 -19.63
N LEU B 228 21.24 -0.17 -19.78
CA LEU B 228 21.86 -0.82 -18.62
C LEU B 228 22.66 0.19 -17.80
N LEU B 229 23.44 1.03 -18.48
CA LEU B 229 24.20 2.08 -17.84
C LEU B 229 23.27 2.99 -17.03
N LYS B 230 22.15 3.39 -17.64
CA LYS B 230 21.21 4.32 -17.07
C LYS B 230 20.57 3.75 -15.79
N ILE B 231 20.21 2.46 -15.82
CA ILE B 231 19.60 1.76 -14.71
C ILE B 231 20.57 1.70 -13.53
N ALA B 232 21.82 1.37 -13.79
CA ALA B 232 22.84 1.25 -12.76
C ALA B 232 23.23 2.64 -12.20
N LYS B 233 23.40 3.65 -13.05
CA LYS B 233 24.13 4.85 -12.66
C LYS B 233 23.21 6.07 -12.48
N SER B 234 22.00 6.11 -13.09
CA SER B 234 21.16 7.32 -13.12
C SER B 234 20.10 7.36 -12.00
N GLU B 235 19.37 8.48 -11.90
CA GLU B 235 18.26 8.59 -10.97
C GLU B 235 17.18 7.59 -11.42
N PRO B 236 16.30 7.07 -10.55
CA PRO B 236 15.17 6.26 -11.01
C PRO B 236 14.43 6.91 -12.17
N PRO B 237 13.89 6.12 -13.12
CA PRO B 237 13.19 6.69 -14.27
C PRO B 237 11.89 7.37 -13.83
N THR B 238 11.46 8.36 -14.62
CA THR B 238 10.28 9.17 -14.30
C THR B 238 9.32 9.13 -15.49
N LEU B 239 8.08 9.60 -15.27
CA LEU B 239 7.15 9.87 -16.35
C LEU B 239 7.68 11.02 -17.20
N ALA B 240 7.45 10.95 -18.51
CA ALA B 240 7.95 11.90 -19.50
C ALA B 240 7.30 13.29 -19.30
N GLN B 241 6.03 13.31 -18.87
CA GLN B 241 5.28 14.54 -18.63
C GLN B 241 4.59 14.43 -17.27
N PRO B 242 5.30 14.67 -16.14
CA PRO B 242 4.71 14.53 -14.78
C PRO B 242 3.38 15.26 -14.54
N SER B 243 3.20 16.41 -15.20
CA SER B 243 2.02 17.25 -15.06
C SER B 243 0.74 16.60 -15.59
N ARG B 244 0.85 15.53 -16.40
CA ARG B 244 -0.29 14.82 -16.97
C ARG B 244 -0.88 13.82 -15.97
N TRP B 245 -0.20 13.56 -14.83
CA TRP B 245 -0.55 12.46 -13.94
C TRP B 245 -0.75 12.97 -12.50
N SER B 246 -1.60 12.24 -11.74
CA SER B 246 -1.90 12.60 -10.34
C SER B 246 -0.69 12.39 -9.43
N SER B 247 -0.75 13.03 -8.25
CA SER B 247 0.32 12.91 -7.27
CA SER B 247 0.31 12.92 -7.26
C SER B 247 0.32 11.51 -6.68
N ASN B 248 -0.87 10.89 -6.54
CA ASN B 248 -0.98 9.52 -6.04
C ASN B 248 -0.15 8.58 -6.92
N PHE B 249 -0.24 8.76 -8.24
CA PHE B 249 0.41 7.87 -9.21
C PHE B 249 1.92 8.05 -9.14
N LYS B 250 2.39 9.30 -9.26
CA LYS B 250 3.82 9.59 -9.17
C LYS B 250 4.39 9.17 -7.82
N ASP B 251 3.59 9.24 -6.74
CA ASP B 251 4.06 8.84 -5.42
C ASP B 251 4.20 7.31 -5.36
N PHE B 252 3.22 6.62 -5.94
CA PHE B 252 3.27 5.17 -6.02
C PHE B 252 4.54 4.74 -6.77
N LEU B 253 4.88 5.44 -7.86
CA LEU B 253 6.08 5.16 -8.63
C LEU B 253 7.34 5.30 -7.78
N LYS B 254 7.44 6.35 -6.95
CA LYS B 254 8.59 6.58 -6.08
C LYS B 254 8.82 5.38 -5.14
N LYS B 255 7.76 4.66 -4.76
CA LYS B 255 7.86 3.54 -3.84
C LYS B 255 8.36 2.27 -4.53
N CYS B 256 8.01 2.13 -5.82
CA CYS B 256 8.39 1.01 -6.66
C CYS B 256 9.82 1.20 -7.18
N LEU B 257 10.12 2.44 -7.68
CA LEU B 257 11.34 2.79 -8.38
C LEU B 257 12.30 3.49 -7.43
N GLU B 258 12.61 2.77 -6.35
CA GLU B 258 13.53 3.19 -5.32
C GLU B 258 14.76 2.31 -5.48
N LYS B 259 15.92 2.92 -5.74
CA LYS B 259 17.16 2.18 -6.01
C LYS B 259 17.70 1.48 -4.76
N ASN B 260 17.47 2.01 -3.55
CA ASN B 260 17.79 1.29 -2.31
C ASN B 260 16.78 0.15 -2.11
N VAL B 261 17.27 -1.09 -2.18
CA VAL B 261 16.40 -2.27 -2.19
C VAL B 261 15.56 -2.31 -0.90
N ASP B 262 16.16 -1.89 0.24
CA ASP B 262 15.55 -2.03 1.54
C ASP B 262 14.52 -0.94 1.78
N ALA B 263 14.65 0.21 1.09
CA ALA B 263 13.68 1.30 1.16
C ALA B 263 12.50 1.03 0.22
N ARG B 264 12.74 0.24 -0.83
CA ARG B 264 11.71 -0.05 -1.83
C ARG B 264 10.58 -0.84 -1.18
N TRP B 265 9.33 -0.48 -1.46
CA TRP B 265 8.23 -1.05 -0.70
C TRP B 265 7.98 -2.51 -1.08
N THR B 266 7.38 -3.23 -0.12
CA THR B 266 6.87 -4.57 -0.37
C THR B 266 5.51 -4.42 -1.04
N THR B 267 5.04 -5.49 -1.66
CA THR B 267 3.72 -5.50 -2.27
C THR B 267 2.66 -5.33 -1.19
N SER B 268 2.90 -5.83 0.02
CA SER B 268 1.93 -5.67 1.10
C SER B 268 1.83 -4.19 1.50
N GLN B 269 2.96 -3.48 1.53
CA GLN B 269 2.92 -2.06 1.82
C GLN B 269 2.23 -1.31 0.67
N LEU B 270 2.50 -1.68 -0.58
CA LEU B 270 1.97 -1.00 -1.76
C LEU B 270 0.44 -1.13 -1.83
N LEU B 271 -0.08 -2.27 -1.35
CA LEU B 271 -1.51 -2.52 -1.34
C LEU B 271 -2.24 -1.49 -0.47
N GLN B 272 -1.51 -0.84 0.44
CA GLN B 272 -2.09 0.15 1.36
C GLN B 272 -1.99 1.55 0.76
N HIS B 273 -1.40 1.68 -0.41
CA HIS B 273 -1.23 2.99 -1.01
C HIS B 273 -2.57 3.48 -1.59
N PRO B 274 -2.90 4.79 -1.46
CA PRO B 274 -4.14 5.34 -2.00
C PRO B 274 -4.33 5.17 -3.51
N PHE B 275 -3.24 5.10 -4.29
CA PHE B 275 -3.36 4.91 -5.72
C PHE B 275 -4.11 3.62 -6.07
N VAL B 276 -4.00 2.57 -5.26
CA VAL B 276 -4.65 1.31 -5.58
C VAL B 276 -5.91 1.10 -4.75
N THR B 277 -6.51 2.17 -4.18
CA THR B 277 -7.84 2.00 -3.61
C THR B 277 -8.88 2.26 -4.70
N VAL B 278 -9.34 1.17 -5.34
CA VAL B 278 -10.27 1.24 -6.45
C VAL B 278 -11.35 0.19 -6.24
N ASP B 279 -12.57 0.50 -6.64
CA ASP B 279 -13.73 -0.33 -6.40
C ASP B 279 -14.27 -0.95 -7.69
N SER B 280 -13.75 -0.59 -8.88
CA SER B 280 -14.43 -0.85 -10.14
C SER B 280 -13.43 -1.06 -11.26
N ASN B 281 -13.80 -1.96 -12.19
CA ASN B 281 -13.00 -2.24 -13.37
C ASN B 281 -13.62 -1.59 -14.61
N LYS B 282 -14.50 -0.59 -14.43
CA LYS B 282 -15.24 -0.02 -15.54
C LYS B 282 -14.29 0.59 -16.57
N PRO B 283 -13.21 1.31 -16.16
CA PRO B 283 -12.28 1.88 -17.15
C PRO B 283 -11.77 0.82 -18.16
N ILE B 284 -11.55 -0.41 -17.68
CA ILE B 284 -11.02 -1.51 -18.49
C ILE B 284 -12.12 -2.08 -19.36
N ARG B 285 -13.34 -2.29 -18.81
CA ARG B 285 -14.47 -2.70 -19.61
C ARG B 285 -14.66 -1.79 -20.82
N GLU B 286 -14.51 -0.46 -20.64
CA GLU B 286 -14.66 0.52 -21.72
C GLU B 286 -13.50 0.43 -22.73
N LEU B 287 -12.28 0.22 -22.20
CA LEU B 287 -11.08 0.10 -23.01
C LEU B 287 -11.17 -1.08 -23.98
N ILE B 288 -11.67 -2.23 -23.50
CA ILE B 288 -11.75 -3.43 -24.33
C ILE B 288 -13.03 -3.41 -25.17
N ALA B 289 -13.98 -2.51 -24.88
CA ALA B 289 -15.13 -2.28 -25.76
C ALA B 289 -14.73 -1.45 -26.98
N GLU B 290 -13.73 -0.54 -26.83
CA GLU B 290 -13.16 0.17 -27.97
C GLU B 290 -12.34 -0.78 -28.83
N ALA B 291 -11.51 -1.62 -28.17
CA ALA B 291 -10.66 -2.59 -28.84
C ALA B 291 -11.48 -3.58 -29.67
N LYS B 292 -12.61 -4.08 -29.11
CA LYS B 292 -13.45 -5.06 -29.79
C LYS B 292 -14.11 -4.42 -31.02
N ALA B 293 -14.30 -3.09 -31.03
CA ALA B 293 -14.95 -2.43 -32.16
C ALA B 293 -13.96 -2.16 -33.30
N GLU B 294 -13.33 -3.22 -33.85
CA GLU B 294 -12.27 -3.09 -34.84
C GLU B 294 -12.30 -4.31 -35.77
N SER C 1 4.71 -18.60 -11.57
CA SER C 1 5.27 -17.37 -12.16
C SER C 1 6.66 -17.66 -12.74
N MET C 2 7.58 -18.22 -11.96
CA MET C 2 8.90 -18.59 -12.54
C MET C 2 9.79 -19.25 -11.49
N LYS C 3 10.00 -18.60 -10.34
CA LYS C 3 10.94 -19.17 -9.34
C LYS C 3 10.30 -19.24 -7.96
N GLN C 4 10.34 -20.41 -7.33
CA GLN C 4 9.84 -20.54 -5.95
C GLN C 4 11.00 -20.82 -5.02
N TYR C 5 11.18 -19.98 -4.02
CA TYR C 5 12.21 -20.20 -3.01
C TYR C 5 11.79 -21.33 -2.07
N GLU C 6 12.74 -21.81 -1.26
CA GLU C 6 12.55 -22.91 -0.32
C GLU C 6 11.66 -22.48 0.84
N HIS C 7 10.89 -23.45 1.36
CA HIS C 7 10.00 -23.26 2.48
C HIS C 7 10.71 -23.40 3.83
N VAL C 8 11.97 -23.82 3.84
CA VAL C 8 12.71 -23.98 5.07
C VAL C 8 13.77 -22.89 5.18
N LYS C 9 13.77 -22.17 6.30
CA LYS C 9 14.77 -21.17 6.63
C LYS C 9 16.07 -21.86 7.06
N ARG C 10 17.21 -21.16 6.85
CA ARG C 10 18.53 -21.68 7.16
C ARG C 10 19.31 -20.61 7.93
N ASP C 11 20.40 -21.02 8.62
CA ASP C 11 21.31 -20.11 9.31
C ASP C 11 20.61 -19.28 10.40
N LEU C 12 19.46 -19.75 10.92
CA LEU C 12 18.68 -18.99 11.89
C LEU C 12 18.11 -19.92 12.94
N ASN C 13 18.23 -19.51 14.21
CA ASN C 13 17.76 -20.27 15.36
C ASN C 13 16.24 -20.15 15.46
N PRO C 14 15.49 -21.27 15.40
CA PRO C 14 14.05 -21.24 15.56
C PRO C 14 13.58 -20.58 16.85
N GLU C 15 14.37 -20.69 17.91
CA GLU C 15 13.96 -20.22 19.22
C GLU C 15 14.22 -18.73 19.41
N ASP C 16 14.84 -18.09 18.41
CA ASP C 16 14.86 -16.65 18.28
C ASP C 16 13.44 -16.14 17.99
N PHE C 17 12.61 -16.97 17.33
CA PHE C 17 11.29 -16.56 16.86
C PHE C 17 10.15 -17.28 17.55
N TRP C 18 10.37 -18.49 18.08
CA TRP C 18 9.33 -19.26 18.76
C TRP C 18 9.84 -19.78 20.11
N GLU C 19 9.05 -19.51 21.15
CA GLU C 19 9.30 -20.02 22.49
C GLU C 19 8.55 -21.33 22.65
N ILE C 20 9.25 -22.39 23.13
CA ILE C 20 8.57 -23.59 23.56
C ILE C 20 7.95 -23.28 24.92
N ILE C 21 6.63 -23.43 25.00
CA ILE C 21 5.91 -23.36 26.26
C ILE C 21 6.09 -24.71 26.95
N GLY C 22 5.46 -25.73 26.36
CA GLY C 22 5.39 -27.04 26.97
C GLY C 22 5.24 -28.14 25.93
N GLU C 23 4.85 -29.32 26.42
CA GLU C 23 4.79 -30.51 25.58
C GLU C 23 3.32 -30.88 25.39
N LEU C 24 2.99 -31.39 24.20
CA LEU C 24 1.61 -31.69 23.88
C LEU C 24 1.40 -33.21 23.83
N GLY C 25 2.29 -33.91 23.12
CA GLY C 25 2.23 -35.36 23.01
C GLY C 25 3.60 -35.99 23.08
N ASP C 26 3.64 -37.23 23.59
CA ASP C 26 4.86 -38.02 23.67
C ASP C 26 4.47 -39.42 23.21
N GLY C 27 4.70 -39.73 21.93
CA GLY C 27 4.44 -41.08 21.44
C GLY C 27 4.40 -41.12 19.92
N GLY C 30 7.32 -39.08 18.08
CA GLY C 30 8.28 -38.42 18.95
C GLY C 30 7.61 -37.40 19.85
N LYS C 31 8.33 -36.31 20.16
CA LYS C 31 7.81 -35.20 20.93
C LYS C 31 7.21 -34.15 19.97
N VAL C 32 5.97 -33.76 20.26
CA VAL C 32 5.37 -32.54 19.70
C VAL C 32 5.28 -31.46 20.79
N TYR C 33 5.78 -30.26 20.46
CA TYR C 33 5.87 -29.15 21.41
C TYR C 33 4.78 -28.12 21.10
N LYS C 34 4.49 -27.28 22.10
CA LYS C 34 3.64 -26.12 21.90
C LYS C 34 4.53 -24.89 21.87
N ALA C 35 4.37 -24.06 20.84
CA ALA C 35 5.22 -22.91 20.70
C ALA C 35 4.35 -21.66 20.56
N GLN C 36 4.95 -20.52 20.92
CA GLN C 36 4.31 -19.23 20.82
C GLN C 36 5.30 -18.27 20.15
N ASN C 37 4.81 -17.58 19.11
CA ASN C 37 5.66 -16.66 18.39
C ASN C 37 6.02 -15.52 19.33
N LYS C 38 7.33 -15.22 19.44
CA LYS C 38 7.82 -14.23 20.40
C LYS C 38 7.34 -12.82 20.03
N GLU C 39 7.05 -12.53 18.74
CA GLU C 39 6.72 -11.17 18.31
C GLU C 39 5.23 -11.02 17.95
N THR C 40 4.54 -12.10 17.57
CA THR C 40 3.13 -12.01 17.17
C THR C 40 2.19 -12.71 18.18
N SER C 41 2.70 -13.61 19.03
CA SER C 41 1.90 -14.32 20.00
C SER C 41 1.10 -15.47 19.39
N VAL C 42 1.22 -15.70 18.08
CA VAL C 42 0.60 -16.83 17.40
C VAL C 42 1.05 -18.16 18.03
N LEU C 43 0.11 -19.12 18.12
CA LEU C 43 0.37 -20.43 18.73
C LEU C 43 0.65 -21.43 17.60
N ALA C 44 1.64 -22.30 17.81
CA ALA C 44 1.94 -23.37 16.87
C ALA C 44 2.12 -24.68 17.63
N ALA C 45 1.92 -25.80 16.93
CA ALA C 45 2.53 -27.06 17.33
C ALA C 45 3.85 -27.20 16.59
N ALA C 46 4.89 -27.66 17.29
CA ALA C 46 6.23 -27.76 16.73
C ALA C 46 6.75 -29.19 16.84
N LYS C 47 7.44 -29.66 15.79
CA LYS C 47 8.06 -30.97 15.78
C LYS C 47 9.51 -30.74 15.38
N VAL C 48 10.44 -31.31 16.11
CA VAL C 48 11.88 -31.12 15.80
C VAL C 48 12.40 -32.48 15.35
N ILE C 49 12.56 -32.66 14.05
CA ILE C 49 12.95 -33.99 13.49
C ILE C 49 14.45 -34.05 13.29
N ASP C 50 15.09 -35.08 13.83
CA ASP C 50 16.54 -35.27 13.63
C ASP C 50 16.79 -35.61 12.17
N THR C 51 17.63 -34.84 11.51
CA THR C 51 17.98 -35.07 10.12
C THR C 51 19.39 -35.62 9.98
N LYS C 52 20.41 -34.76 10.15
CA LYS C 52 21.81 -35.08 9.89
C LYS C 52 22.11 -35.25 8.40
N SER C 53 21.50 -36.25 7.77
CA SER C 53 21.60 -36.48 6.33
C SER C 53 20.88 -35.35 5.58
N GLU C 54 21.61 -34.64 4.70
CA GLU C 54 21.02 -33.65 3.81
C GLU C 54 20.08 -34.32 2.79
N GLU C 55 20.29 -35.63 2.52
CA GLU C 55 19.42 -36.43 1.67
C GLU C 55 18.09 -36.75 2.36
N GLU C 56 18.08 -36.72 3.71
CA GLU C 56 16.89 -36.95 4.52
C GLU C 56 16.03 -35.69 4.57
N LEU C 57 16.70 -34.52 4.66
CA LEU C 57 16.07 -33.20 4.64
C LEU C 57 15.25 -33.00 3.36
N GLU C 58 15.82 -33.39 2.22
CA GLU C 58 15.10 -33.34 0.94
C GLU C 58 13.88 -34.26 0.99
N ASP C 59 13.98 -35.42 1.65
CA ASP C 59 12.85 -36.35 1.74
C ASP C 59 11.71 -35.73 2.55
N TYR C 60 12.04 -34.99 3.62
CA TYR C 60 11.02 -34.35 4.43
C TYR C 60 10.43 -33.13 3.72
N MET C 61 11.34 -32.38 3.07
CA MET C 61 10.99 -31.14 2.39
C MET C 61 9.97 -31.40 1.30
N VAL C 62 9.89 -32.63 0.78
CA VAL C 62 8.86 -33.00 -0.19
C VAL C 62 7.47 -32.88 0.46
N GLU C 63 7.35 -33.47 1.66
CA GLU C 63 6.08 -33.44 2.38
C GLU C 63 5.76 -32.00 2.79
N ILE C 64 6.79 -31.21 3.16
CA ILE C 64 6.58 -29.83 3.57
C ILE C 64 6.08 -28.96 2.41
N ASP C 65 6.63 -29.15 1.20
CA ASP C 65 6.19 -28.40 0.03
C ASP C 65 4.72 -28.61 -0.27
N ILE C 66 4.26 -29.86 -0.17
CA ILE C 66 2.87 -30.19 -0.45
C ILE C 66 1.99 -29.46 0.56
N LEU C 67 2.38 -29.52 1.83
CA LEU C 67 1.61 -28.88 2.89
C LEU C 67 1.56 -27.35 2.72
N ALA C 68 2.69 -26.75 2.33
CA ALA C 68 2.83 -25.31 2.16
C ALA C 68 1.96 -24.79 1.00
N SER C 69 1.70 -25.63 -0.01
CA SER C 69 0.94 -25.25 -1.18
C SER C 69 -0.57 -25.40 -0.97
N CYS C 70 -0.98 -26.12 0.08
CA CYS C 70 -2.38 -26.36 0.38
C CYS C 70 -3.00 -25.15 1.07
N ASP C 71 -4.24 -24.87 0.69
CA ASP C 71 -4.99 -23.73 1.20
C ASP C 71 -6.46 -24.11 1.34
N HIS C 72 -6.80 -24.76 2.47
CA HIS C 72 -8.16 -25.18 2.76
C HIS C 72 -8.38 -25.10 4.27
N PRO C 73 -9.57 -24.65 4.73
CA PRO C 73 -9.81 -24.47 6.16
C PRO C 73 -9.75 -25.75 7.00
N ASN C 74 -9.84 -26.91 6.34
CA ASN C 74 -9.90 -28.20 6.99
C ASN C 74 -8.58 -28.94 6.83
N ILE C 75 -7.55 -28.23 6.36
CA ILE C 75 -6.19 -28.77 6.34
C ILE C 75 -5.28 -27.83 7.10
N VAL C 76 -4.46 -28.42 7.93
CA VAL C 76 -3.60 -27.72 8.86
C VAL C 76 -2.58 -26.95 8.03
N LYS C 77 -2.30 -25.71 8.42
CA LYS C 77 -1.36 -24.82 7.73
C LYS C 77 0.02 -24.86 8.36
N LEU C 78 1.02 -24.84 7.47
CA LEU C 78 2.41 -24.66 7.84
C LEU C 78 2.63 -23.18 8.14
N LEU C 79 3.12 -22.89 9.37
CA LEU C 79 3.42 -21.53 9.79
C LEU C 79 4.91 -21.22 9.60
N ASP C 80 5.78 -22.24 9.73
CA ASP C 80 7.21 -22.01 9.72
C ASP C 80 7.98 -23.33 9.62
N ALA C 81 9.20 -23.26 9.10
CA ALA C 81 10.09 -24.41 9.02
C ALA C 81 11.53 -23.89 9.00
N PHE C 82 12.40 -24.58 9.74
CA PHE C 82 13.78 -24.17 9.94
C PHE C 82 14.69 -25.40 9.89
N TYR C 83 15.88 -25.22 9.28
CA TYR C 83 16.95 -26.19 9.38
C TYR C 83 18.07 -25.53 10.18
N TYR C 84 18.33 -26.04 11.39
CA TYR C 84 19.25 -25.40 12.33
C TYR C 84 19.90 -26.49 13.21
N GLU C 85 21.25 -26.43 13.31
CA GLU C 85 22.08 -27.40 14.02
C GLU C 85 21.53 -28.81 13.83
N ASN C 86 21.36 -29.20 12.57
CA ASN C 86 21.03 -30.57 12.13
C ASN C 86 19.66 -31.03 12.61
N ASN C 87 18.78 -30.09 12.99
CA ASN C 87 17.38 -30.42 13.23
C ASN C 87 16.49 -29.70 12.22
N LEU C 88 15.37 -30.35 11.89
CA LEU C 88 14.33 -29.75 11.09
C LEU C 88 13.13 -29.47 11.99
N TRP C 89 12.87 -28.17 12.23
CA TRP C 89 11.66 -27.72 12.94
C TRP C 89 10.53 -27.47 11.95
N ILE C 90 9.38 -28.09 12.23
CA ILE C 90 8.13 -27.87 11.54
C ILE C 90 7.12 -27.25 12.53
N LEU C 91 6.58 -26.08 12.18
CA LEU C 91 5.57 -25.41 12.98
C LEU C 91 4.30 -25.26 12.19
N ILE C 92 3.21 -25.80 12.76
CA ILE C 92 1.94 -25.78 12.08
C ILE C 92 0.87 -25.18 12.99
N GLU C 93 -0.28 -24.78 12.42
CA GLU C 93 -1.29 -24.10 13.21
C GLU C 93 -1.74 -25.00 14.34
N PHE C 94 -1.76 -24.37 15.53
CA PHE C 94 -2.17 -25.00 16.77
C PHE C 94 -3.67 -25.20 16.75
N CYS C 95 -4.07 -26.44 17.06
CA CYS C 95 -5.45 -26.89 17.11
C CYS C 95 -5.78 -27.30 18.53
N ALA C 96 -6.44 -26.39 19.27
CA ALA C 96 -6.51 -26.43 20.72
C ALA C 96 -7.28 -27.64 21.26
N GLY C 97 -8.26 -28.14 20.50
CA GLY C 97 -9.08 -29.27 20.91
C GLY C 97 -8.36 -30.63 20.90
N GLY C 98 -7.20 -30.70 20.23
CA GLY C 98 -6.38 -31.90 20.23
C GLY C 98 -6.88 -32.90 19.18
N ALA C 99 -6.21 -34.07 19.10
CA ALA C 99 -6.58 -35.14 18.18
C ALA C 99 -7.84 -35.87 18.68
N VAL C 100 -8.57 -36.47 17.74
CA VAL C 100 -9.81 -37.17 18.05
C VAL C 100 -9.53 -38.42 18.92
N ASP C 101 -8.41 -39.11 18.69
CA ASP C 101 -8.11 -40.33 19.45
C ASP C 101 -7.81 -39.97 20.92
N ALA C 102 -7.01 -38.92 21.16
CA ALA C 102 -6.77 -38.37 22.50
C ALA C 102 -8.06 -37.97 23.24
N VAL C 103 -9.07 -37.44 22.53
CA VAL C 103 -10.32 -37.05 23.16
C VAL C 103 -11.04 -38.33 23.63
N MET C 104 -11.08 -39.36 22.77
CA MET C 104 -11.69 -40.64 23.09
C MET C 104 -11.00 -41.32 24.26
N LEU C 105 -9.65 -41.25 24.35
CA LEU C 105 -8.92 -41.86 25.45
C LEU C 105 -9.12 -41.08 26.74
N GLU C 106 -9.10 -39.73 26.68
CA GLU C 106 -9.37 -38.89 27.85
C GLU C 106 -10.78 -39.15 28.40
N LEU C 107 -11.81 -39.11 27.53
CA LEU C 107 -13.20 -39.33 27.94
C LEU C 107 -13.55 -40.81 28.12
N GLU C 108 -12.75 -41.72 27.56
CA GLU C 108 -12.97 -43.16 27.67
C GLU C 108 -14.29 -43.57 27.00
N ARG C 109 -14.64 -42.87 25.92
CA ARG C 109 -15.92 -43.05 25.24
C ARG C 109 -15.68 -42.83 23.74
N PRO C 110 -16.44 -43.52 22.85
CA PRO C 110 -16.41 -43.19 21.42
C PRO C 110 -17.14 -41.88 21.19
N LEU C 111 -17.14 -41.40 19.95
CA LEU C 111 -17.94 -40.24 19.59
C LEU C 111 -19.39 -40.70 19.39
N THR C 112 -20.33 -39.77 19.56
CA THR C 112 -21.71 -39.98 19.15
C THR C 112 -21.81 -39.92 17.62
N GLU C 113 -22.94 -40.42 17.09
CA GLU C 113 -23.20 -40.38 15.67
C GLU C 113 -23.23 -38.92 15.18
N SER C 114 -23.85 -38.02 15.97
CA SER C 114 -23.88 -36.60 15.64
C SER C 114 -22.47 -36.02 15.48
N GLN C 115 -21.57 -36.38 16.40
CA GLN C 115 -20.19 -35.91 16.35
C GLN C 115 -19.44 -36.53 15.16
N ILE C 116 -19.65 -37.84 14.92
CA ILE C 116 -19.00 -38.49 13.79
C ILE C 116 -19.41 -37.81 12.49
N GLN C 117 -20.67 -37.36 12.46
CA GLN C 117 -21.27 -36.81 11.26
C GLN C 117 -20.58 -35.52 10.85
N VAL C 118 -20.32 -34.65 11.84
CA VAL C 118 -19.61 -33.40 11.61
C VAL C 118 -18.17 -33.69 11.16
N VAL C 119 -17.50 -34.65 11.81
CA VAL C 119 -16.10 -34.93 11.50
C VAL C 119 -16.02 -35.52 10.10
N CYS C 120 -16.97 -36.39 9.77
CA CYS C 120 -17.02 -37.03 8.47
C CYS C 120 -17.16 -35.99 7.35
N LYS C 121 -18.08 -35.04 7.54
CA LYS C 121 -18.34 -34.06 6.52
C LYS C 121 -17.13 -33.13 6.34
N GLN C 122 -16.53 -32.68 7.44
CA GLN C 122 -15.41 -31.76 7.33
C GLN C 122 -14.18 -32.48 6.77
N THR C 123 -13.93 -33.72 7.22
CA THR C 123 -12.81 -34.51 6.75
C THR C 123 -12.95 -34.77 5.24
N LEU C 124 -14.18 -35.01 4.82
CA LEU C 124 -14.51 -35.24 3.42
C LEU C 124 -14.27 -33.99 2.58
N ASP C 125 -14.56 -32.78 3.13
CA ASP C 125 -14.23 -31.57 2.43
C ASP C 125 -12.72 -31.46 2.22
N ALA C 126 -11.94 -31.76 3.26
CA ALA C 126 -10.48 -31.74 3.19
C ALA C 126 -9.93 -32.70 2.12
N LEU C 127 -10.45 -33.92 2.15
CA LEU C 127 -9.97 -35.01 1.32
C LEU C 127 -10.32 -34.71 -0.14
N ASN C 128 -11.52 -34.18 -0.35
CA ASN C 128 -11.99 -33.85 -1.67
C ASN C 128 -11.09 -32.77 -2.29
N TYR C 129 -10.67 -31.80 -1.48
CA TYR C 129 -9.74 -30.79 -1.93
C TYR C 129 -8.37 -31.39 -2.31
N LEU C 130 -7.83 -32.27 -1.44
CA LEU C 130 -6.61 -32.99 -1.76
C LEU C 130 -6.73 -33.70 -3.11
N HIS C 131 -7.79 -34.50 -3.27
CA HIS C 131 -7.95 -35.33 -4.45
C HIS C 131 -8.09 -34.46 -5.70
N ASP C 132 -8.73 -33.31 -5.53
CA ASP C 132 -8.97 -32.36 -6.61
C ASP C 132 -7.64 -31.83 -7.12
N ASN C 133 -6.63 -31.75 -6.22
CA ASN C 133 -5.32 -31.20 -6.51
C ASN C 133 -4.26 -32.29 -6.67
N LYS C 134 -4.73 -33.53 -6.94
CA LYS C 134 -3.90 -34.69 -7.24
C LYS C 134 -3.01 -35.10 -6.07
N ILE C 135 -3.52 -34.94 -4.83
CA ILE C 135 -2.81 -35.32 -3.62
C ILE C 135 -3.59 -36.40 -2.88
N ILE C 136 -2.88 -37.42 -2.41
CA ILE C 136 -3.44 -38.42 -1.51
C ILE C 136 -2.85 -38.21 -0.13
N HIS C 137 -3.69 -38.35 0.91
CA HIS C 137 -3.27 -38.21 2.30
C HIS C 137 -2.45 -39.44 2.72
N ARG C 138 -3.00 -40.66 2.50
CA ARG C 138 -2.31 -41.94 2.69
C ARG C 138 -2.29 -42.43 4.13
N ASP C 139 -2.70 -41.63 5.12
CA ASP C 139 -2.57 -42.06 6.50
C ASP C 139 -3.74 -41.47 7.27
N LEU C 140 -4.94 -41.53 6.68
CA LEU C 140 -6.11 -41.00 7.32
C LEU C 140 -6.52 -41.95 8.42
N LYS C 141 -6.53 -41.43 9.64
CA LYS C 141 -6.95 -42.13 10.84
C LYS C 141 -7.38 -41.10 11.87
N ALA C 142 -7.98 -41.53 12.98
CA ALA C 142 -8.52 -40.60 13.95
C ALA C 142 -7.41 -39.78 14.61
N GLY C 143 -6.20 -40.34 14.73
CA GLY C 143 -5.08 -39.64 15.34
C GLY C 143 -4.59 -38.44 14.52
N ASN C 144 -5.04 -38.35 13.25
CA ASN C 144 -4.61 -37.32 12.31
C ASN C 144 -5.76 -36.33 12.03
N ILE C 145 -6.83 -36.38 12.84
CA ILE C 145 -7.90 -35.39 12.74
C ILE C 145 -7.88 -34.58 14.03
N LEU C 146 -7.72 -33.25 13.89
CA LEU C 146 -7.52 -32.36 15.02
C LEU C 146 -8.73 -31.44 15.15
N PHE C 147 -9.11 -31.14 16.40
CA PHE C 147 -10.17 -30.20 16.68
C PHE C 147 -9.58 -28.79 16.91
N THR C 148 -10.22 -27.77 16.34
CA THR C 148 -9.94 -26.37 16.67
C THR C 148 -10.80 -25.94 17.87
N LEU C 149 -10.49 -24.78 18.45
CA LEU C 149 -11.25 -24.17 19.55
C LEU C 149 -12.72 -24.01 19.17
N ASP C 150 -12.99 -23.70 17.88
CA ASP C 150 -14.31 -23.27 17.44
C ASP C 150 -15.24 -24.47 17.19
N GLY C 151 -14.70 -25.68 17.06
CA GLY C 151 -15.50 -26.88 16.84
C GLY C 151 -15.34 -27.44 15.41
N ASP C 152 -14.23 -27.12 14.75
CA ASP C 152 -13.97 -27.60 13.42
C ASP C 152 -12.82 -28.61 13.39
N ILE C 153 -12.64 -29.20 12.21
CA ILE C 153 -11.67 -30.24 11.96
C ILE C 153 -10.55 -29.65 11.11
N LYS C 154 -9.30 -29.98 11.45
CA LYS C 154 -8.19 -29.82 10.54
C LYS C 154 -7.44 -31.15 10.45
N LEU C 155 -7.16 -31.53 9.21
CA LEU C 155 -6.46 -32.76 8.87
C LEU C 155 -4.95 -32.51 9.00
N ALA C 156 -4.24 -33.40 9.69
CA ALA C 156 -2.80 -33.32 9.86
C ALA C 156 -2.16 -34.67 9.52
N ASP C 157 -0.85 -34.81 9.79
CA ASP C 157 -0.07 -36.03 9.60
C ASP C 157 1.03 -36.13 10.67
N PHE C 158 0.76 -36.84 11.77
CA PHE C 158 1.72 -37.00 12.86
C PHE C 158 2.97 -37.81 12.52
N GLY C 159 2.99 -38.55 11.40
CA GLY C 159 4.18 -39.29 11.00
C GLY C 159 4.12 -40.75 11.41
N SER C 173 11.20 -49.17 2.83
CA SER C 173 11.66 -50.49 3.34
C SER C 173 10.72 -51.00 4.43
N PHE C 174 10.18 -50.11 5.26
CA PHE C 174 9.38 -50.57 6.43
C PHE C 174 7.88 -50.43 6.18
N ILE C 175 7.10 -51.38 6.70
CA ILE C 175 5.61 -51.28 6.62
C ILE C 175 5.13 -50.96 8.03
N GLY C 176 4.06 -50.19 8.17
CA GLY C 176 3.61 -49.77 9.50
C GLY C 176 2.34 -50.45 9.94
N THR C 177 1.45 -49.70 10.58
CA THR C 177 0.18 -50.29 11.08
C THR C 177 -0.74 -50.55 9.90
N PRO C 178 -1.29 -51.77 9.78
CA PRO C 178 -2.16 -52.13 8.66
C PRO C 178 -3.66 -51.82 8.75
N TYR C 179 -4.17 -51.44 9.94
CA TYR C 179 -5.60 -51.43 10.21
C TYR C 179 -6.37 -50.56 9.22
N TRP C 180 -5.76 -49.50 8.70
CA TRP C 180 -6.48 -48.54 7.88
C TRP C 180 -6.21 -48.76 6.38
N MET C 181 -5.38 -49.77 6.06
CA MET C 181 -4.99 -50.03 4.68
C MET C 181 -6.13 -50.62 3.86
N ALA C 182 -6.17 -50.23 2.60
CA ALA C 182 -7.20 -50.66 1.68
C ALA C 182 -6.81 -52.01 1.08
N PRO C 183 -7.81 -52.85 0.72
CA PRO C 183 -7.55 -54.16 0.12
C PRO C 183 -6.67 -54.13 -1.12
N GLU C 184 -6.82 -53.09 -1.96
CA GLU C 184 -6.09 -53.03 -3.21
C GLU C 184 -4.61 -52.70 -2.95
N VAL C 185 -4.32 -52.01 -1.84
CA VAL C 185 -2.95 -51.71 -1.44
C VAL C 185 -2.28 -52.96 -0.88
N VAL C 186 -2.98 -53.71 -0.03
CA VAL C 186 -2.53 -54.98 0.52
C VAL C 186 -2.28 -56.00 -0.61
N MET C 187 -3.23 -56.10 -1.55
CA MET C 187 -3.19 -57.10 -2.62
C MET C 187 -2.35 -56.59 -3.80
N CYS C 188 -1.83 -55.37 -3.67
CA CYS C 188 -0.96 -54.77 -4.72
C CYS C 188 -1.67 -54.83 -6.06
N GLU C 189 -2.99 -54.63 -6.05
CA GLU C 189 -3.81 -54.68 -7.28
C GLU C 189 -3.83 -53.29 -7.94
N THR C 190 -3.08 -53.14 -9.03
CA THR C 190 -2.99 -51.83 -9.73
C THR C 190 -3.78 -51.89 -11.04
N PRO C 195 -4.72 -46.51 -11.73
CA PRO C 195 -3.63 -45.53 -11.95
C PRO C 195 -3.35 -44.62 -10.72
N TYR C 196 -4.41 -44.22 -10.01
CA TYR C 196 -4.31 -43.37 -8.84
C TYR C 196 -4.87 -44.12 -7.61
N ASP C 197 -4.49 -43.70 -6.39
CA ASP C 197 -4.98 -44.35 -5.18
C ASP C 197 -5.84 -43.40 -4.34
N TYR C 198 -6.57 -42.48 -4.98
CA TYR C 198 -7.53 -41.64 -4.27
C TYR C 198 -8.54 -42.47 -3.49
N LYS C 199 -8.97 -43.59 -4.10
CA LYS C 199 -9.96 -44.47 -3.49
C LYS C 199 -9.45 -45.07 -2.18
N ALA C 200 -8.12 -45.25 -2.03
CA ALA C 200 -7.59 -45.85 -0.81
C ALA C 200 -7.83 -44.93 0.38
N ASP C 201 -7.78 -43.61 0.17
CA ASP C 201 -8.13 -42.64 1.19
C ASP C 201 -9.59 -42.81 1.63
N VAL C 202 -10.50 -43.10 0.69
CA VAL C 202 -11.93 -43.27 0.97
C VAL C 202 -12.14 -44.50 1.87
N TRP C 203 -11.47 -45.62 1.56
CA TRP C 203 -11.47 -46.78 2.42
C TRP C 203 -11.04 -46.41 3.83
N SER C 204 -9.89 -45.74 3.95
CA SER C 204 -9.37 -45.33 5.24
C SER C 204 -10.36 -44.44 6.00
N LEU C 205 -11.13 -43.62 5.25
CA LEU C 205 -12.15 -42.81 5.87
C LEU C 205 -13.20 -43.71 6.52
N GLY C 206 -13.57 -44.79 5.84
CA GLY C 206 -14.53 -45.76 6.35
C GLY C 206 -14.05 -46.38 7.66
N ILE C 207 -12.79 -46.82 7.68
CA ILE C 207 -12.18 -47.41 8.87
C ILE C 207 -12.15 -46.38 10.00
N THR C 208 -11.88 -45.11 9.66
CA THR C 208 -11.77 -44.03 10.63
C THR C 208 -13.12 -43.77 11.29
N LEU C 209 -14.22 -43.83 10.54
CA LEU C 209 -15.56 -43.68 11.08
C LEU C 209 -15.90 -44.78 12.11
N ILE C 210 -15.55 -46.04 11.80
CA ILE C 210 -15.77 -47.11 12.75
C ILE C 210 -14.89 -46.89 13.98
N GLU C 211 -13.66 -46.40 13.75
CA GLU C 211 -12.72 -46.13 14.83
C GLU C 211 -13.29 -45.07 15.77
N MET C 212 -14.02 -44.08 15.23
CA MET C 212 -14.61 -43.04 16.04
C MET C 212 -15.89 -43.52 16.75
N ALA C 213 -16.57 -44.52 16.16
CA ALA C 213 -17.75 -45.10 16.77
C ALA C 213 -17.40 -46.10 17.89
N GLU C 214 -16.19 -46.67 17.89
CA GLU C 214 -15.85 -47.79 18.77
C GLU C 214 -14.50 -47.60 19.48
N ILE C 215 -13.88 -46.41 19.36
CA ILE C 215 -12.56 -46.08 19.93
C ILE C 215 -11.43 -46.75 19.12
N GLU C 216 -11.51 -48.07 18.98
CA GLU C 216 -10.48 -48.85 18.30
C GLU C 216 -10.95 -49.12 16.88
N PRO C 217 -10.03 -49.24 15.88
CA PRO C 217 -10.40 -49.69 14.54
C PRO C 217 -10.81 -51.16 14.49
N PRO C 218 -11.50 -51.56 13.42
CA PRO C 218 -11.83 -52.97 13.21
C PRO C 218 -10.56 -53.82 13.19
N HIS C 219 -10.68 -55.04 13.75
CA HIS C 219 -9.64 -56.06 13.77
C HIS C 219 -8.49 -55.65 14.70
N HIS C 220 -8.75 -54.71 15.65
CA HIS C 220 -7.72 -54.19 16.55
C HIS C 220 -7.11 -55.30 17.42
N GLU C 221 -7.92 -56.32 17.76
CA GLU C 221 -7.51 -57.44 18.61
C GLU C 221 -6.58 -58.42 17.89
N LEU C 222 -6.45 -58.30 16.55
CA LEU C 222 -5.66 -59.25 15.76
C LEU C 222 -4.21 -58.76 15.59
N ASN C 223 -3.30 -59.74 15.55
CA ASN C 223 -1.91 -59.58 15.12
C ASN C 223 -1.89 -58.78 13.81
N PRO C 224 -0.94 -57.85 13.58
CA PRO C 224 -0.85 -57.11 12.31
C PRO C 224 -0.77 -57.94 11.02
N MET C 225 -0.05 -59.07 11.03
CA MET C 225 0.00 -59.98 9.88
C MET C 225 -1.39 -60.55 9.59
N ARG C 226 -2.11 -60.98 10.64
CA ARG C 226 -3.45 -61.54 10.50
C ARG C 226 -4.42 -60.49 9.95
N VAL C 227 -4.21 -59.20 10.30
CA VAL C 227 -5.02 -58.10 9.80
C VAL C 227 -4.84 -57.95 8.28
N LEU C 228 -3.61 -58.10 7.76
CA LEU C 228 -3.37 -58.04 6.32
C LEU C 228 -4.17 -59.14 5.61
N LEU C 229 -4.11 -60.35 6.14
CA LEU C 229 -4.87 -61.46 5.58
C LEU C 229 -6.37 -61.12 5.57
N LYS C 230 -6.87 -60.60 6.69
CA LYS C 230 -8.28 -60.31 6.87
C LYS C 230 -8.77 -59.24 5.87
N ILE C 231 -7.97 -58.19 5.66
CA ILE C 231 -8.32 -57.10 4.76
C ILE C 231 -8.39 -57.60 3.32
N ALA C 232 -7.42 -58.42 2.93
CA ALA C 232 -7.37 -59.00 1.60
C ALA C 232 -8.49 -60.02 1.36
N LYS C 233 -8.79 -60.88 2.33
CA LYS C 233 -9.63 -62.05 2.09
C LYS C 233 -11.08 -61.88 2.60
N SER C 234 -11.34 -61.01 3.60
CA SER C 234 -12.63 -60.98 4.31
C SER C 234 -13.58 -59.91 3.77
N GLU C 235 -14.85 -60.07 4.17
CA GLU C 235 -15.87 -59.11 3.79
C GLU C 235 -15.53 -57.77 4.45
N PRO C 236 -15.88 -56.59 3.87
CA PRO C 236 -15.59 -55.31 4.51
C PRO C 236 -16.05 -55.30 5.96
N PRO C 237 -15.34 -54.59 6.85
CA PRO C 237 -15.76 -54.49 8.25
C PRO C 237 -17.09 -53.74 8.43
N THR C 238 -17.81 -54.09 9.50
CA THR C 238 -19.07 -53.49 9.86
C THR C 238 -18.96 -52.95 11.29
N LEU C 239 -19.94 -52.13 11.69
CA LEU C 239 -20.07 -51.71 13.08
C LEU C 239 -20.42 -52.94 13.94
N ALA C 240 -19.85 -52.96 15.16
CA ALA C 240 -19.96 -54.06 16.08
C ALA C 240 -21.39 -54.25 16.56
N GLN C 241 -22.15 -53.13 16.68
CA GLN C 241 -23.53 -53.16 17.16
C GLN C 241 -24.39 -52.30 16.23
N PRO C 242 -24.79 -52.82 15.04
CA PRO C 242 -25.55 -52.06 14.04
C PRO C 242 -26.81 -51.33 14.53
N SER C 243 -27.46 -51.88 15.56
CA SER C 243 -28.72 -51.34 16.06
C SER C 243 -28.52 -50.02 16.80
N ARG C 244 -27.28 -49.66 17.16
CA ARG C 244 -26.98 -48.42 17.84
C ARG C 244 -26.88 -47.24 16.86
N TRP C 245 -26.87 -47.51 15.54
CA TRP C 245 -26.54 -46.50 14.54
C TRP C 245 -27.63 -46.40 13.48
N SER C 246 -27.77 -45.21 12.89
CA SER C 246 -28.76 -44.94 11.85
C SER C 246 -28.42 -45.68 10.56
N SER C 247 -29.44 -45.81 9.70
CA SER C 247 -29.31 -46.44 8.39
CA SER C 247 -29.30 -46.45 8.40
C SER C 247 -28.44 -45.58 7.48
N ASN C 248 -28.53 -44.25 7.63
CA ASN C 248 -27.72 -43.33 6.83
C ASN C 248 -26.23 -43.62 7.07
N PHE C 249 -25.86 -43.87 8.32
CA PHE C 249 -24.46 -44.07 8.71
C PHE C 249 -23.96 -45.39 8.16
N LYS C 250 -24.69 -46.48 8.44
CA LYS C 250 -24.33 -47.80 7.93
C LYS C 250 -24.28 -47.81 6.39
N ASP C 251 -25.15 -47.03 5.75
CA ASP C 251 -25.17 -46.96 4.30
C ASP C 251 -23.93 -46.22 3.78
N PHE C 252 -23.58 -45.12 4.46
CA PHE C 252 -22.38 -44.37 4.11
C PHE C 252 -21.14 -45.28 4.21
N LEU C 253 -21.07 -46.12 5.26
CA LEU C 253 -19.98 -47.06 5.44
C LEU C 253 -19.87 -48.02 4.25
N LYS C 254 -21.00 -48.57 3.78
CA LYS C 254 -21.03 -49.47 2.61
C LYS C 254 -20.40 -48.82 1.36
N LYS C 255 -20.49 -47.49 1.22
CA LYS C 255 -19.96 -46.77 0.06
C LYS C 255 -18.45 -46.56 0.14
N CYS C 256 -17.96 -46.40 1.39
CA CYS C 256 -16.54 -46.21 1.68
C CYS C 256 -15.80 -47.55 1.67
N LEU C 257 -16.41 -48.57 2.33
CA LEU C 257 -15.81 -49.88 2.60
C LEU C 257 -16.30 -50.89 1.57
N GLU C 258 -16.09 -50.54 0.30
CA GLU C 258 -16.46 -51.35 -0.84
C GLU C 258 -15.14 -51.88 -1.42
N LYS C 259 -14.99 -53.22 -1.45
CA LYS C 259 -13.73 -53.82 -1.90
C LYS C 259 -13.49 -53.63 -3.40
N ASN C 260 -14.54 -53.56 -4.22
CA ASN C 260 -14.40 -53.22 -5.64
C ASN C 260 -14.07 -51.73 -5.79
N VAL C 261 -12.86 -51.42 -6.26
CA VAL C 261 -12.36 -50.05 -6.30
C VAL C 261 -13.28 -49.19 -7.17
N ASP C 262 -13.86 -49.74 -8.25
CA ASP C 262 -14.65 -48.94 -9.18
C ASP C 262 -16.04 -48.62 -8.62
N ALA C 263 -16.56 -49.52 -7.77
CA ALA C 263 -17.84 -49.33 -7.11
C ALA C 263 -17.70 -48.40 -5.89
N ARG C 264 -16.49 -48.33 -5.30
CA ARG C 264 -16.27 -47.50 -4.12
C ARG C 264 -16.44 -46.03 -4.50
N TRP C 265 -17.15 -45.26 -3.68
CA TRP C 265 -17.49 -43.91 -4.10
C TRP C 265 -16.27 -42.98 -4.01
N THR C 266 -16.30 -41.92 -4.84
CA THR C 266 -15.38 -40.81 -4.74
C THR C 266 -15.83 -39.90 -3.59
N THR C 267 -14.93 -39.02 -3.15
CA THR C 267 -15.27 -38.01 -2.16
C THR C 267 -16.39 -37.09 -2.69
N SER C 268 -16.36 -36.80 -3.99
CA SER C 268 -17.38 -35.94 -4.56
C SER C 268 -18.74 -36.63 -4.51
N GLN C 269 -18.79 -37.93 -4.79
CA GLN C 269 -20.05 -38.65 -4.68
C GLN C 269 -20.51 -38.70 -3.22
N LEU C 270 -19.58 -38.92 -2.28
CA LEU C 270 -19.89 -39.07 -0.86
C LEU C 270 -20.46 -37.77 -0.28
N LEU C 271 -20.01 -36.63 -0.80
CA LEU C 271 -20.48 -35.33 -0.34
C LEU C 271 -21.99 -35.20 -0.61
N GLN C 272 -22.53 -35.99 -1.54
CA GLN C 272 -23.95 -35.95 -1.87
C GLN C 272 -24.74 -36.94 -1.03
N HIS C 273 -24.07 -37.67 -0.14
CA HIS C 273 -24.77 -38.64 0.68
C HIS C 273 -25.52 -37.91 1.81
N PRO C 274 -26.75 -38.34 2.16
CA PRO C 274 -27.51 -37.73 3.25
C PRO C 274 -26.83 -37.75 4.62
N PHE C 275 -25.95 -38.72 4.90
CA PHE C 275 -25.27 -38.78 6.18
C PHE C 275 -24.45 -37.51 6.43
N VAL C 276 -23.91 -36.88 5.38
CA VAL C 276 -23.09 -35.69 5.55
C VAL C 276 -23.86 -34.43 5.16
N THR C 277 -25.19 -34.47 5.21
CA THR C 277 -26.01 -33.31 4.98
C THR C 277 -26.22 -32.68 6.35
N VAL C 278 -25.21 -31.96 6.83
CA VAL C 278 -25.17 -31.44 8.18
C VAL C 278 -24.63 -30.02 8.10
N ASP C 279 -25.23 -29.12 8.89
CA ASP C 279 -24.94 -27.69 8.78
C ASP C 279 -24.20 -27.19 10.03
N SER C 280 -24.34 -27.88 11.17
CA SER C 280 -23.87 -27.37 12.45
C SER C 280 -22.74 -28.23 13.02
N ASN C 281 -21.79 -27.57 13.69
CA ASN C 281 -20.71 -28.22 14.40
C ASN C 281 -20.97 -28.25 15.91
N LYS C 282 -22.22 -28.07 16.34
CA LYS C 282 -22.51 -27.92 17.76
C LYS C 282 -22.15 -29.21 18.52
N PRO C 283 -22.42 -30.42 17.95
CA PRO C 283 -22.01 -31.66 18.63
C PRO C 283 -20.54 -31.65 19.05
N ILE C 284 -19.68 -31.06 18.22
CA ILE C 284 -18.23 -31.01 18.44
C ILE C 284 -17.90 -29.94 19.47
N ARG C 285 -18.52 -28.77 19.36
CA ARG C 285 -18.36 -27.73 20.38
C ARG C 285 -18.66 -28.28 21.78
N GLU C 286 -19.71 -29.11 21.91
CA GLU C 286 -20.11 -29.71 23.19
C GLU C 286 -19.10 -30.77 23.63
N LEU C 287 -18.61 -31.57 22.66
CA LEU C 287 -17.64 -32.63 22.92
C LEU C 287 -16.34 -32.07 23.50
N ILE C 288 -15.85 -30.95 22.96
CA ILE C 288 -14.60 -30.39 23.43
C ILE C 288 -14.84 -29.49 24.65
N ALA C 289 -16.10 -29.15 24.97
CA ALA C 289 -16.42 -28.50 26.24
C ALA C 289 -16.44 -29.51 27.39
N GLU C 290 -16.78 -30.78 27.12
CA GLU C 290 -16.66 -31.83 28.11
C GLU C 290 -15.18 -32.18 28.34
N ALA C 291 -14.41 -32.27 27.24
CA ALA C 291 -12.99 -32.58 27.30
C ALA C 291 -12.23 -31.50 28.10
N LYS C 292 -12.55 -30.21 27.88
CA LYS C 292 -11.91 -29.11 28.59
C LYS C 292 -12.25 -29.16 30.09
N ALA C 293 -13.41 -29.72 30.46
CA ALA C 293 -13.76 -30.00 31.85
C ALA C 293 -13.30 -31.42 32.23
N GLU C 294 -12.01 -31.72 32.01
CA GLU C 294 -11.39 -32.97 32.45
C GLU C 294 -9.87 -32.75 32.55
N SER D 1 2.16 25.16 21.84
CA SER D 1 3.18 24.07 21.94
C SER D 1 3.95 23.97 20.63
N MET D 2 3.27 23.72 19.52
CA MET D 2 3.98 23.73 18.23
C MET D 2 4.31 25.19 17.87
N LYS D 3 5.56 25.47 17.53
CA LYS D 3 5.98 26.85 17.24
C LYS D 3 6.49 26.97 15.80
N GLN D 4 6.09 28.02 15.11
CA GLN D 4 6.59 28.26 13.74
C GLN D 4 7.48 29.50 13.74
N TYR D 5 8.74 29.34 13.39
CA TYR D 5 9.68 30.44 13.25
C TYR D 5 9.34 31.26 12.00
N GLU D 6 9.93 32.46 11.90
CA GLU D 6 9.64 33.39 10.81
C GLU D 6 10.28 32.92 9.51
N HIS D 7 9.61 33.22 8.40
CA HIS D 7 10.04 32.85 7.08
C HIS D 7 11.06 33.83 6.51
N VAL D 8 11.29 34.98 7.17
CA VAL D 8 12.31 35.91 6.72
C VAL D 8 13.50 35.86 7.68
N LYS D 9 14.69 35.61 7.11
CA LYS D 9 15.95 35.65 7.84
C LYS D 9 16.33 37.11 8.16
N ARG D 10 17.11 37.29 9.23
CA ARG D 10 17.54 38.60 9.71
C ARG D 10 19.04 38.57 9.99
N ASP D 11 19.66 39.77 10.04
CA ASP D 11 21.07 40.01 10.30
C ASP D 11 22.02 39.15 9.46
N LEU D 12 21.60 38.84 8.23
CA LEU D 12 22.40 38.05 7.28
C LEU D 12 22.25 38.64 5.89
N ASN D 13 23.40 38.77 5.20
CA ASN D 13 23.47 39.33 3.86
C ASN D 13 22.96 38.30 2.84
N PRO D 14 21.90 38.62 2.06
CA PRO D 14 21.41 37.73 1.02
C PRO D 14 22.46 37.30 0.01
N GLU D 15 23.41 38.19 -0.27
CA GLU D 15 24.39 37.96 -1.33
C GLU D 15 25.56 37.13 -0.84
N ASP D 16 25.57 36.77 0.45
CA ASP D 16 26.42 35.70 0.97
C ASP D 16 25.95 34.35 0.39
N PHE D 17 24.64 34.22 0.08
CA PHE D 17 24.05 32.94 -0.31
C PHE D 17 23.55 32.92 -1.75
N TRP D 18 23.24 34.10 -2.34
CA TRP D 18 22.77 34.19 -3.71
C TRP D 18 23.55 35.25 -4.49
N GLU D 19 24.05 34.87 -5.66
CA GLU D 19 24.73 35.76 -6.59
C GLU D 19 23.71 36.32 -7.58
N ILE D 20 23.66 37.64 -7.72
CA ILE D 20 22.84 38.26 -8.76
C ILE D 20 23.62 38.11 -10.06
N ILE D 21 22.98 37.45 -11.04
CA ILE D 21 23.61 37.16 -12.32
C ILE D 21 22.90 37.84 -13.51
N GLY D 22 21.98 38.78 -13.26
CA GLY D 22 21.42 39.59 -14.32
C GLY D 22 20.04 40.10 -13.94
N GLU D 23 19.42 40.83 -14.88
CA GLU D 23 18.12 41.43 -14.67
C GLU D 23 17.13 40.73 -15.61
N LEU D 24 15.88 40.58 -15.16
CA LEU D 24 14.91 39.80 -15.92
C LEU D 24 13.82 40.72 -16.47
N GLY D 25 13.27 41.59 -15.61
CA GLY D 25 12.30 42.59 -16.02
C GLY D 25 12.58 43.95 -15.40
N ASP D 26 11.98 44.99 -16.00
CA ASP D 26 12.24 46.38 -15.66
C ASP D 26 11.13 46.98 -14.77
N GLY D 30 8.67 46.86 -10.51
CA GLY D 30 10.05 47.36 -10.30
C GLY D 30 11.07 46.50 -11.05
N LYS D 31 12.24 46.29 -10.42
CA LYS D 31 13.26 45.39 -10.94
C LYS D 31 13.07 44.00 -10.35
N VAL D 32 13.02 42.99 -11.23
CA VAL D 32 13.18 41.58 -10.84
C VAL D 32 14.55 41.09 -11.32
N TYR D 33 15.31 40.45 -10.41
CA TYR D 33 16.67 40.01 -10.67
C TYR D 33 16.70 38.48 -10.87
N LYS D 34 17.78 38.01 -11.48
CA LYS D 34 18.04 36.58 -11.58
C LYS D 34 19.17 36.24 -10.62
N ALA D 35 18.96 35.24 -9.77
CA ALA D 35 19.98 34.88 -8.81
C ALA D 35 20.30 33.38 -8.93
N GLN D 36 21.50 33.02 -8.47
CA GLN D 36 21.97 31.65 -8.46
C GLN D 36 22.53 31.37 -7.07
N ASN D 37 22.09 30.27 -6.47
CA ASN D 37 22.52 29.91 -5.14
C ASN D 37 24.01 29.58 -5.21
N LYS D 38 24.80 30.20 -4.31
CA LYS D 38 26.25 30.04 -4.32
C LYS D 38 26.66 28.61 -3.95
N GLU D 39 25.84 27.85 -3.18
CA GLU D 39 26.23 26.53 -2.72
CA GLU D 39 26.20 26.53 -2.70
C GLU D 39 25.55 25.41 -3.52
N THR D 40 24.34 25.65 -4.06
CA THR D 40 23.58 24.61 -4.75
C THR D 40 23.45 24.84 -6.26
N SER D 41 23.66 26.08 -6.73
CA SER D 41 23.56 26.40 -8.16
C SER D 41 22.10 26.55 -8.61
N VAL D 42 21.14 26.41 -7.69
CA VAL D 42 19.72 26.60 -7.98
C VAL D 42 19.49 28.03 -8.46
N LEU D 43 18.57 28.20 -9.42
CA LEU D 43 18.22 29.50 -9.99
C LEU D 43 16.98 30.04 -9.30
N ALA D 44 16.98 31.35 -9.02
CA ALA D 44 15.82 32.02 -8.44
C ALA D 44 15.55 33.31 -9.22
N ALA D 45 14.29 33.75 -9.17
CA ALA D 45 13.99 35.16 -9.42
C ALA D 45 13.96 35.87 -8.07
N ALA D 46 14.56 37.07 -8.02
CA ALA D 46 14.69 37.81 -6.77
C ALA D 46 14.06 39.21 -6.93
N LYS D 47 13.38 39.65 -5.89
CA LYS D 47 12.78 40.98 -5.85
C LYS D 47 13.29 41.62 -4.57
N VAL D 48 13.82 42.85 -4.70
CA VAL D 48 14.40 43.57 -3.59
C VAL D 48 13.50 44.77 -3.32
N ILE D 49 12.56 44.65 -2.38
CA ILE D 49 11.58 45.69 -2.16
C ILE D 49 11.98 46.55 -0.94
N ASP D 50 11.96 47.86 -1.17
CA ASP D 50 12.37 48.88 -0.21
C ASP D 50 11.32 48.96 0.91
N THR D 51 11.75 48.70 2.14
CA THR D 51 10.88 48.47 3.28
C THR D 51 11.27 49.45 4.40
N LYS D 52 10.81 50.71 4.26
CA LYS D 52 11.07 51.78 5.22
C LYS D 52 10.20 51.55 6.45
N SER D 53 8.88 51.60 6.21
CA SER D 53 7.88 51.38 7.25
C SER D 53 7.98 49.94 7.76
N GLU D 54 8.20 49.77 9.09
CA GLU D 54 8.14 48.45 9.74
C GLU D 54 6.71 47.89 9.69
N GLU D 55 5.70 48.77 9.58
CA GLU D 55 4.30 48.40 9.41
C GLU D 55 4.04 47.83 8.02
N GLU D 56 4.88 48.20 7.04
CA GLU D 56 4.78 47.71 5.67
C GLU D 56 5.44 46.34 5.57
N LEU D 57 6.55 46.11 6.28
CA LEU D 57 7.25 44.82 6.35
C LEU D 57 6.32 43.72 6.86
N GLU D 58 5.52 44.02 7.90
CA GLU D 58 4.53 43.08 8.41
C GLU D 58 3.49 42.81 7.32
N ASP D 59 3.11 43.83 6.52
CA ASP D 59 2.11 43.66 5.47
C ASP D 59 2.65 42.72 4.39
N TYR D 60 3.95 42.79 4.08
CA TYR D 60 4.56 41.92 3.07
C TYR D 60 4.73 40.52 3.63
N MET D 61 5.15 40.43 4.90
CA MET D 61 5.45 39.17 5.54
C MET D 61 4.18 38.30 5.59
N VAL D 62 2.99 38.92 5.57
CA VAL D 62 1.73 38.19 5.52
C VAL D 62 1.62 37.46 4.19
N GLU D 63 1.94 38.16 3.09
CA GLU D 63 1.89 37.55 1.77
C GLU D 63 2.96 36.46 1.67
N ILE D 64 4.13 36.66 2.30
CA ILE D 64 5.20 35.67 2.27
C ILE D 64 4.79 34.39 3.01
N ASP D 65 4.12 34.51 4.16
CA ASP D 65 3.66 33.36 4.93
C ASP D 65 2.70 32.49 4.12
N ILE D 66 1.78 33.14 3.38
CA ILE D 66 0.81 32.42 2.57
C ILE D 66 1.55 31.64 1.51
N LEU D 67 2.51 32.29 0.85
CA LEU D 67 3.28 31.66 -0.21
C LEU D 67 4.12 30.50 0.32
N ALA D 68 4.71 30.66 1.49
CA ALA D 68 5.58 29.66 2.11
C ALA D 68 4.81 28.40 2.49
N SER D 69 3.51 28.55 2.81
CA SER D 69 2.66 27.44 3.26
C SER D 69 2.06 26.67 2.07
N CYS D 70 2.14 27.25 0.86
CA CYS D 70 1.61 26.64 -0.35
C CYS D 70 2.56 25.58 -0.88
N ASP D 71 1.97 24.48 -1.33
CA ASP D 71 2.72 23.34 -1.84
C ASP D 71 1.96 22.69 -2.99
N HIS D 72 2.08 23.26 -4.19
CA HIS D 72 1.45 22.76 -5.40
C HIS D 72 2.40 22.97 -6.57
N PRO D 73 2.51 22.02 -7.52
CA PRO D 73 3.43 22.18 -8.64
C PRO D 73 3.13 23.36 -9.59
N ASN D 74 1.92 23.90 -9.52
CA ASN D 74 1.47 24.97 -10.40
C ASN D 74 1.41 26.29 -9.63
N ILE D 75 1.97 26.31 -8.42
CA ILE D 75 2.18 27.56 -7.69
C ILE D 75 3.66 27.70 -7.36
N VAL D 76 4.15 28.88 -7.63
CA VAL D 76 5.57 29.18 -7.53
C VAL D 76 5.96 29.05 -6.05
N LYS D 77 7.12 28.45 -5.80
CA LYS D 77 7.64 28.21 -4.46
C LYS D 77 8.61 29.31 -4.03
N LEU D 78 8.47 29.69 -2.75
CA LEU D 78 9.41 30.56 -2.09
C LEU D 78 10.64 29.75 -1.72
N LEU D 79 11.81 30.18 -2.22
CA LEU D 79 13.08 29.53 -1.93
C LEU D 79 13.79 30.22 -0.76
N ASP D 80 13.58 31.54 -0.58
CA ASP D 80 14.29 32.26 0.47
C ASP D 80 13.70 33.67 0.66
N ALA D 81 13.88 34.21 1.87
CA ALA D 81 13.51 35.59 2.16
C ALA D 81 14.43 36.14 3.25
N PHE D 82 14.85 37.40 3.07
CA PHE D 82 15.80 38.07 3.94
C PHE D 82 15.35 39.50 4.20
N TYR D 83 15.60 39.98 5.41
CA TYR D 83 15.55 41.40 5.73
C TYR D 83 16.97 41.83 6.04
N TYR D 84 17.54 42.70 5.20
CA TYR D 84 18.92 43.14 5.36
C TYR D 84 19.09 44.58 4.86
N GLU D 85 19.76 45.42 5.67
CA GLU D 85 19.96 46.86 5.42
C GLU D 85 18.69 47.46 4.83
N ASN D 86 17.56 47.25 5.51
CA ASN D 86 16.27 47.87 5.23
C ASN D 86 15.69 47.47 3.88
N ASN D 87 16.17 46.37 3.29
CA ASN D 87 15.52 45.80 2.12
C ASN D 87 14.94 44.42 2.43
N LEU D 88 13.85 44.09 1.75
CA LEU D 88 13.24 42.77 1.84
C LEU D 88 13.49 42.05 0.51
N TRP D 89 14.36 41.02 0.55
CA TRP D 89 14.61 40.14 -0.60
C TRP D 89 13.67 38.94 -0.56
N ILE D 90 12.97 38.73 -1.67
CA ILE D 90 12.11 37.57 -1.91
C ILE D 90 12.70 36.77 -3.07
N LEU D 91 13.00 35.49 -2.84
CA LEU D 91 13.54 34.63 -3.87
C LEU D 91 12.60 33.45 -4.12
N ILE D 92 12.16 33.32 -5.38
CA ILE D 92 11.18 32.30 -5.72
C ILE D 92 11.71 31.46 -6.90
N GLU D 93 11.11 30.27 -7.12
CA GLU D 93 11.65 29.37 -8.13
C GLU D 93 11.59 30.05 -9.48
N PHE D 94 12.74 29.99 -10.16
CA PHE D 94 12.94 30.55 -11.48
C PHE D 94 12.18 29.72 -12.49
N CYS D 95 11.41 30.42 -13.32
CA CYS D 95 10.58 29.87 -14.37
C CYS D 95 11.09 30.38 -15.71
N ALA D 96 11.88 29.55 -16.40
CA ALA D 96 12.76 29.95 -17.49
C ALA D 96 11.98 30.48 -18.70
N GLY D 97 10.76 29.98 -18.93
CA GLY D 97 9.95 30.39 -20.06
C GLY D 97 9.38 31.80 -19.97
N GLY D 98 9.40 32.39 -18.76
CA GLY D 98 8.95 33.75 -18.54
C GLY D 98 7.44 33.82 -18.40
N ALA D 99 6.92 35.04 -18.27
CA ALA D 99 5.49 35.29 -18.17
C ALA D 99 4.81 35.13 -19.53
N VAL D 100 3.52 34.83 -19.50
CA VAL D 100 2.74 34.63 -20.71
C VAL D 100 2.60 35.94 -21.50
N ASP D 101 2.48 37.09 -20.82
CA ASP D 101 2.33 38.37 -21.51
C ASP D 101 3.61 38.73 -22.27
N ALA D 102 4.78 38.56 -21.64
CA ALA D 102 6.08 38.73 -22.28
C ALA D 102 6.28 37.82 -23.51
N VAL D 103 5.73 36.60 -23.50
CA VAL D 103 5.84 35.70 -24.63
C VAL D 103 5.02 36.27 -25.81
N MET D 104 3.81 36.73 -25.51
CA MET D 104 2.93 37.34 -26.49
C MET D 104 3.55 38.61 -27.09
N LEU D 105 4.21 39.44 -26.27
CA LEU D 105 4.84 40.68 -26.75
C LEU D 105 6.08 40.34 -27.59
N GLU D 106 6.90 39.38 -27.14
CA GLU D 106 8.08 38.96 -27.89
C GLU D 106 7.67 38.39 -29.26
N LEU D 107 6.71 37.46 -29.30
CA LEU D 107 6.26 36.84 -30.55
C LEU D 107 5.28 37.70 -31.34
N GLU D 108 4.67 38.72 -30.69
CA GLU D 108 3.73 39.63 -31.34
C GLU D 108 2.48 38.91 -31.82
N ARG D 109 2.06 37.88 -31.07
CA ARG D 109 0.95 37.02 -31.44
C ARG D 109 0.22 36.61 -30.16
N PRO D 110 -1.11 36.35 -30.20
CA PRO D 110 -1.80 35.72 -29.08
C PRO D 110 -1.42 34.24 -29.00
N LEU D 111 -1.90 33.54 -27.98
CA LEU D 111 -1.73 32.10 -27.89
C LEU D 111 -2.74 31.43 -28.82
N THR D 112 -2.42 30.21 -29.27
CA THR D 112 -3.39 29.36 -29.95
C THR D 112 -4.34 28.79 -28.91
N GLU D 113 -5.47 28.26 -29.39
CA GLU D 113 -6.45 27.63 -28.52
C GLU D 113 -5.83 26.43 -27.79
N SER D 114 -5.01 25.65 -28.51
CA SER D 114 -4.30 24.52 -27.93
C SER D 114 -3.43 24.94 -26.74
N GLN D 115 -2.71 26.05 -26.90
CA GLN D 115 -1.84 26.59 -25.85
C GLN D 115 -2.69 27.13 -24.69
N ILE D 116 -3.78 27.85 -25.00
CA ILE D 116 -4.67 28.39 -23.97
C ILE D 116 -5.22 27.23 -23.13
N GLN D 117 -5.46 26.11 -23.80
CA GLN D 117 -6.12 24.96 -23.18
C GLN D 117 -5.26 24.39 -22.06
N VAL D 118 -3.96 24.23 -22.35
CA VAL D 118 -3.01 23.75 -21.36
C VAL D 118 -2.89 24.74 -20.19
N VAL D 119 -2.82 26.04 -20.51
CA VAL D 119 -2.64 27.06 -19.47
C VAL D 119 -3.89 27.11 -18.59
N CYS D 120 -5.05 27.01 -19.22
CA CYS D 120 -6.33 27.02 -18.51
C CYS D 120 -6.43 25.88 -17.51
N LYS D 121 -6.05 24.68 -17.95
CA LYS D 121 -6.18 23.51 -17.12
C LYS D 121 -5.21 23.61 -15.93
N GLN D 122 -3.96 23.99 -16.20
CA GLN D 122 -2.98 24.02 -15.14
C GLN D 122 -3.27 25.17 -14.17
N THR D 123 -3.69 26.32 -14.70
CA THR D 123 -4.03 27.48 -13.88
C THR D 123 -5.21 27.12 -12.96
N LEU D 124 -6.16 26.38 -13.51
CA LEU D 124 -7.34 25.93 -12.80
C LEU D 124 -6.96 24.95 -11.69
N ASP D 125 -5.97 24.08 -11.92
CA ASP D 125 -5.49 23.22 -10.85
C ASP D 125 -4.90 24.06 -9.71
N ALA D 126 -4.09 25.06 -10.02
CA ALA D 126 -3.52 25.98 -9.04
C ALA D 126 -4.59 26.69 -8.20
N LEU D 127 -5.59 27.23 -8.91
CA LEU D 127 -6.60 28.07 -8.33
C LEU D 127 -7.48 27.24 -7.42
N ASN D 128 -7.79 26.01 -7.88
CA ASN D 128 -8.65 25.09 -7.14
C ASN D 128 -7.96 24.72 -5.85
N TYR D 129 -6.63 24.54 -5.87
CA TYR D 129 -5.87 24.25 -4.66
C TYR D 129 -5.92 25.45 -3.69
N LEU D 130 -5.70 26.67 -4.20
CA LEU D 130 -5.85 27.87 -3.39
C LEU D 130 -7.24 27.92 -2.72
N HIS D 131 -8.30 27.75 -3.51
CA HIS D 131 -9.65 27.87 -3.01
C HIS D 131 -9.92 26.81 -1.96
N ASP D 132 -9.34 25.63 -2.16
CA ASP D 132 -9.50 24.50 -1.26
C ASP D 132 -8.92 24.84 0.11
N ASN D 133 -7.88 25.68 0.12
CA ASN D 133 -7.12 26.07 1.32
C ASN D 133 -7.51 27.46 1.81
N LYS D 134 -8.67 27.96 1.35
CA LYS D 134 -9.26 29.22 1.79
C LYS D 134 -8.39 30.42 1.40
N ILE D 135 -7.75 30.35 0.23
CA ILE D 135 -6.92 31.42 -0.30
C ILE D 135 -7.52 31.90 -1.61
N ILE D 136 -7.61 33.22 -1.77
CA ILE D 136 -7.93 33.83 -3.05
C ILE D 136 -6.66 34.47 -3.61
N HIS D 137 -6.46 34.34 -4.92
CA HIS D 137 -5.32 34.93 -5.61
C HIS D 137 -5.49 36.46 -5.71
N ARG D 138 -6.64 36.89 -6.27
CA ARG D 138 -7.07 38.29 -6.35
C ARG D 138 -6.44 39.07 -7.51
N ASP D 139 -5.44 38.54 -8.20
CA ASP D 139 -4.76 39.31 -9.23
C ASP D 139 -4.37 38.37 -10.37
N LEU D 140 -5.28 37.47 -10.72
CA LEU D 140 -5.04 36.54 -11.79
C LEU D 140 -5.14 37.30 -13.10
N LYS D 141 -4.03 37.28 -13.83
CA LYS D 141 -3.89 37.86 -15.15
C LYS D 141 -2.75 37.14 -15.86
N ALA D 142 -2.58 37.39 -17.16
CA ALA D 142 -1.58 36.66 -17.93
C ALA D 142 -0.17 37.01 -17.45
N GLY D 143 0.04 38.23 -16.95
CA GLY D 143 1.36 38.65 -16.48
C GLY D 143 1.83 37.86 -15.24
N ASN D 144 0.91 37.13 -14.59
CA ASN D 144 1.18 36.39 -13.36
C ASN D 144 1.15 34.88 -13.61
N ILE D 145 1.16 34.45 -14.87
CA ILE D 145 1.26 33.04 -15.23
C ILE D 145 2.62 32.85 -15.90
N LEU D 146 3.45 31.95 -15.34
CA LEU D 146 4.82 31.79 -15.75
C LEU D 146 5.00 30.41 -16.39
N PHE D 147 5.89 30.34 -17.38
CA PHE D 147 6.20 29.07 -18.06
C PHE D 147 7.46 28.47 -17.41
N THR D 148 7.52 27.14 -17.29
CA THR D 148 8.62 26.51 -16.52
C THR D 148 9.87 26.22 -17.35
N LEU D 149 9.76 25.46 -18.43
CA LEU D 149 10.91 25.02 -19.26
C LEU D 149 10.51 23.64 -19.77
N ASP D 150 9.74 22.93 -18.95
CA ASP D 150 9.24 21.59 -19.34
C ASP D 150 7.86 21.77 -19.96
N GLY D 151 7.41 23.01 -20.12
CA GLY D 151 6.11 23.28 -20.75
C GLY D 151 4.99 23.40 -19.74
N ASP D 152 5.30 23.84 -18.52
CA ASP D 152 4.25 23.86 -17.47
C ASP D 152 4.01 25.27 -16.93
N ILE D 153 2.92 25.45 -16.18
CA ILE D 153 2.53 26.74 -15.66
C ILE D 153 2.88 26.78 -14.17
N LYS D 154 3.37 27.93 -13.71
CA LYS D 154 3.37 28.28 -12.30
C LYS D 154 2.75 29.65 -12.12
N LEU D 155 1.82 29.73 -11.16
CA LEU D 155 1.11 30.95 -10.82
C LEU D 155 1.98 31.78 -9.87
N ALA D 156 2.18 33.07 -10.19
CA ALA D 156 2.94 33.98 -9.34
C ALA D 156 2.11 35.24 -9.05
N ASP D 157 2.77 36.26 -8.45
CA ASP D 157 2.17 37.55 -8.13
C ASP D 157 3.25 38.65 -8.19
N PHE D 158 3.43 39.27 -9.35
CA PHE D 158 4.50 40.28 -9.55
C PHE D 158 4.29 41.52 -8.68
N GLY D 159 3.05 41.92 -8.42
CA GLY D 159 2.79 43.12 -7.62
C GLY D 159 2.27 44.27 -8.46
N PHE D 174 -5.46 53.31 -3.33
CA PHE D 174 -5.27 53.20 -4.81
C PHE D 174 -5.97 51.95 -5.33
N ILE D 175 -6.70 52.08 -6.45
CA ILE D 175 -7.60 51.03 -6.91
C ILE D 175 -6.88 50.05 -7.85
N GLY D 176 -5.88 50.53 -8.60
CA GLY D 176 -5.16 49.69 -9.56
C GLY D 176 -5.88 49.60 -10.91
N THR D 177 -5.55 48.58 -11.71
CA THR D 177 -6.13 48.41 -13.03
C THR D 177 -7.41 47.58 -12.92
N PRO D 178 -8.51 48.04 -13.59
CA PRO D 178 -9.80 47.38 -13.47
C PRO D 178 -10.14 46.21 -14.39
N TYR D 179 -9.34 45.96 -15.44
CA TYR D 179 -9.73 45.11 -16.55
C TYR D 179 -10.13 43.70 -16.10
N TRP D 180 -9.52 43.20 -15.00
CA TRP D 180 -9.71 41.81 -14.59
C TRP D 180 -10.71 41.70 -13.43
N MET D 181 -11.24 42.84 -12.98
CA MET D 181 -12.09 42.90 -11.80
C MET D 181 -13.48 42.33 -12.09
N ALA D 182 -14.04 41.64 -11.10
CA ALA D 182 -15.35 41.02 -11.24
C ALA D 182 -16.43 42.05 -10.93
N PRO D 183 -17.62 41.91 -11.55
CA PRO D 183 -18.73 42.83 -11.33
C PRO D 183 -19.14 42.99 -9.88
N GLU D 184 -19.07 41.93 -9.09
CA GLU D 184 -19.53 41.99 -7.70
C GLU D 184 -18.55 42.79 -6.83
N VAL D 185 -17.27 42.83 -7.24
CA VAL D 185 -16.27 43.63 -6.54
C VAL D 185 -16.45 45.10 -6.89
N VAL D 186 -16.66 45.41 -8.18
CA VAL D 186 -16.94 46.74 -8.66
C VAL D 186 -18.24 47.30 -8.04
N MET D 187 -19.31 46.47 -8.02
CA MET D 187 -20.61 46.90 -7.52
C MET D 187 -20.71 46.72 -6.00
N CYS D 188 -19.63 46.23 -5.38
CA CYS D 188 -19.59 46.04 -3.91
C CYS D 188 -20.80 45.22 -3.47
N GLU D 189 -21.04 44.11 -4.15
CA GLU D 189 -22.19 43.23 -3.81
C GLU D 189 -21.74 42.16 -2.83
N THR D 190 -22.25 42.21 -1.60
CA THR D 190 -21.88 41.24 -0.54
C THR D 190 -23.06 40.30 -0.30
N PRO D 195 -20.18 35.56 1.11
CA PRO D 195 -19.23 35.59 2.26
C PRO D 195 -17.75 35.55 1.86
N TYR D 196 -17.45 34.79 0.80
CA TYR D 196 -16.10 34.61 0.29
C TYR D 196 -16.03 35.13 -1.17
N ASP D 197 -14.82 35.37 -1.69
CA ASP D 197 -14.68 35.94 -3.03
C ASP D 197 -13.99 34.97 -3.99
N TYR D 198 -14.08 33.66 -3.74
CA TYR D 198 -13.48 32.66 -4.62
C TYR D 198 -13.94 32.84 -6.07
N LYS D 199 -15.23 33.16 -6.26
CA LYS D 199 -15.81 33.33 -7.58
C LYS D 199 -15.16 34.48 -8.36
N ALA D 200 -14.63 35.50 -7.66
CA ALA D 200 -14.01 36.63 -8.35
C ALA D 200 -12.75 36.18 -9.09
N ASP D 201 -12.02 35.22 -8.52
CA ASP D 201 -10.88 34.61 -9.20
C ASP D 201 -11.32 33.92 -10.50
N VAL D 202 -12.49 33.25 -10.48
CA VAL D 202 -13.00 32.55 -11.66
C VAL D 202 -13.30 33.54 -12.80
N TRP D 203 -13.94 34.67 -12.48
CA TRP D 203 -14.15 35.74 -13.43
C TRP D 203 -12.83 36.18 -14.04
N SER D 204 -11.83 36.47 -13.19
CA SER D 204 -10.53 36.91 -13.65
C SER D 204 -9.88 35.87 -14.56
N LEU D 205 -10.15 34.58 -14.29
CA LEU D 205 -9.65 33.53 -15.16
C LEU D 205 -10.26 33.70 -16.55
N GLY D 206 -11.57 34.01 -16.61
CA GLY D 206 -12.25 34.24 -17.88
C GLY D 206 -11.63 35.39 -18.68
N ILE D 207 -11.37 36.52 -18.00
CA ILE D 207 -10.74 37.67 -18.62
C ILE D 207 -9.33 37.29 -19.12
N THR D 208 -8.61 36.48 -18.33
CA THR D 208 -7.25 36.08 -18.64
C THR D 208 -7.21 35.23 -19.92
N LEU D 209 -8.19 34.34 -20.10
CA LEU D 209 -8.31 33.54 -21.31
C LEU D 209 -8.51 34.40 -22.55
N ILE D 210 -9.39 35.41 -22.47
CA ILE D 210 -9.57 36.32 -23.60
C ILE D 210 -8.27 37.10 -23.83
N GLU D 211 -7.58 37.47 -22.74
CA GLU D 211 -6.32 38.19 -22.83
C GLU D 211 -5.28 37.36 -23.58
N MET D 212 -5.29 36.04 -23.37
CA MET D 212 -4.33 35.16 -24.03
C MET D 212 -4.75 34.89 -25.49
N ALA D 213 -6.05 34.99 -25.79
CA ALA D 213 -6.54 34.82 -27.14
C ALA D 213 -6.33 36.08 -28.01
N GLU D 214 -6.22 37.26 -27.40
CA GLU D 214 -6.23 38.52 -28.14
C GLU D 214 -5.10 39.47 -27.73
N ILE D 215 -4.13 39.00 -26.91
CA ILE D 215 -3.01 39.78 -26.39
C ILE D 215 -3.46 40.71 -25.27
N GLU D 216 -4.46 41.54 -25.56
CA GLU D 216 -4.94 42.55 -24.64
C GLU D 216 -6.22 42.03 -24.00
N PRO D 217 -6.55 42.40 -22.73
CA PRO D 217 -7.85 42.07 -22.15
C PRO D 217 -9.00 42.84 -22.80
N PRO D 218 -10.24 42.36 -22.61
CA PRO D 218 -11.40 43.09 -23.08
C PRO D 218 -11.46 44.49 -22.47
N HIS D 219 -11.92 45.44 -23.30
CA HIS D 219 -12.11 46.84 -22.94
C HIS D 219 -10.76 47.55 -22.76
N HIS D 220 -9.67 47.00 -23.33
CA HIS D 220 -8.33 47.57 -23.18
C HIS D 220 -8.25 49.00 -23.74
N GLU D 221 -9.05 49.27 -24.80
CA GLU D 221 -9.05 50.55 -25.52
C GLU D 221 -9.80 51.63 -24.73
N LEU D 222 -10.53 51.25 -23.66
CA LEU D 222 -11.32 52.19 -22.87
C LEU D 222 -10.51 52.76 -21.70
N ASN D 223 -10.79 54.04 -21.39
CA ASN D 223 -10.41 54.73 -20.16
C ASN D 223 -10.68 53.79 -18.97
N PRO D 224 -9.81 53.70 -17.93
CA PRO D 224 -10.08 52.86 -16.75
C PRO D 224 -11.41 53.10 -16.01
N MET D 225 -11.84 54.36 -15.89
CA MET D 225 -13.13 54.69 -15.28
C MET D 225 -14.28 54.10 -16.12
N ARG D 226 -14.21 54.24 -17.45
CA ARG D 226 -15.22 53.71 -18.35
C ARG D 226 -15.26 52.18 -18.30
N VAL D 227 -14.11 51.53 -17.99
CA VAL D 227 -14.05 50.08 -17.84
C VAL D 227 -14.82 49.63 -16.60
N LEU D 228 -14.73 50.39 -15.49
CA LEU D 228 -15.51 50.07 -14.28
C LEU D 228 -17.00 50.12 -14.59
N LEU D 229 -17.42 51.17 -15.29
CA LEU D 229 -18.81 51.30 -15.71
C LEU D 229 -19.23 50.09 -16.55
N LYS D 230 -18.38 49.70 -17.50
CA LYS D 230 -18.68 48.64 -18.45
C LYS D 230 -18.85 47.29 -17.74
N ILE D 231 -17.98 47.00 -16.76
CA ILE D 231 -18.01 45.75 -16.01
C ILE D 231 -19.29 45.66 -15.18
N ALA D 232 -19.66 46.78 -14.53
CA ALA D 232 -20.87 46.83 -13.72
C ALA D 232 -22.14 46.75 -14.57
N LYS D 233 -22.21 47.45 -15.71
CA LYS D 233 -23.47 47.68 -16.40
C LYS D 233 -23.64 46.78 -17.65
N SER D 234 -22.55 46.31 -18.29
CA SER D 234 -22.62 45.67 -19.61
C SER D 234 -22.70 44.14 -19.55
N GLU D 235 -23.08 43.55 -20.69
CA GLU D 235 -23.16 42.09 -20.79
C GLU D 235 -21.72 41.57 -20.67
N PRO D 236 -21.47 40.35 -20.13
CA PRO D 236 -20.11 39.84 -20.03
C PRO D 236 -19.36 39.96 -21.35
N PRO D 237 -18.03 40.20 -21.30
CA PRO D 237 -17.24 40.27 -22.52
C PRO D 237 -17.18 38.91 -23.25
N THR D 238 -16.98 38.98 -24.56
CA THR D 238 -16.95 37.84 -25.47
C THR D 238 -15.65 37.92 -26.27
N LEU D 239 -15.31 36.84 -27.00
CA LEU D 239 -14.18 36.89 -27.93
C LEU D 239 -14.58 37.79 -29.09
N ALA D 240 -13.59 38.54 -29.61
CA ALA D 240 -13.79 39.52 -30.66
C ALA D 240 -14.15 38.82 -31.97
N GLN D 241 -13.66 37.58 -32.20
CA GLN D 241 -13.90 36.85 -33.44
C GLN D 241 -14.32 35.40 -33.13
N PRO D 242 -15.59 35.18 -32.71
CA PRO D 242 -16.06 33.86 -32.27
C PRO D 242 -15.78 32.68 -33.18
N SER D 243 -15.76 32.91 -34.51
CA SER D 243 -15.63 31.84 -35.49
C SER D 243 -14.21 31.25 -35.52
N ARG D 244 -13.23 31.94 -34.91
CA ARG D 244 -11.86 31.46 -34.83
C ARG D 244 -11.67 30.43 -33.70
N TRP D 245 -12.67 30.25 -32.83
CA TRP D 245 -12.51 29.46 -31.61
C TRP D 245 -13.58 28.38 -31.51
N SER D 246 -13.24 27.28 -30.83
CA SER D 246 -14.14 26.15 -30.66
C SER D 246 -15.31 26.48 -29.74
N SER D 247 -16.36 25.67 -29.83
CA SER D 247 -17.54 25.83 -28.99
CA SER D 247 -17.53 25.84 -28.99
C SER D 247 -17.20 25.51 -27.53
N ASN D 248 -16.29 24.55 -27.32
CA ASN D 248 -15.85 24.20 -25.97
C ASN D 248 -15.27 25.43 -25.26
N PHE D 249 -14.47 26.22 -25.99
CA PHE D 249 -13.77 27.37 -25.43
C PHE D 249 -14.77 28.47 -25.11
N LYS D 250 -15.60 28.86 -26.09
CA LYS D 250 -16.61 29.87 -25.88
C LYS D 250 -17.59 29.47 -24.77
N ASP D 251 -17.86 28.16 -24.64
CA ASP D 251 -18.75 27.67 -23.60
C ASP D 251 -18.07 27.82 -22.23
N PHE D 252 -16.77 27.47 -22.16
CA PHE D 252 -16.01 27.60 -20.94
C PHE D 252 -16.02 29.05 -20.45
N LEU D 253 -15.88 30.00 -21.40
CA LEU D 253 -15.94 31.42 -21.11
C LEU D 253 -17.26 31.83 -20.47
N LYS D 254 -18.40 31.34 -21.01
CA LYS D 254 -19.73 31.63 -20.49
C LYS D 254 -19.85 31.23 -19.01
N LYS D 255 -19.14 30.17 -18.57
CA LYS D 255 -19.22 29.68 -17.20
C LYS D 255 -18.40 30.53 -16.24
N CYS D 256 -17.30 31.09 -16.74
CA CYS D 256 -16.38 31.93 -15.99
C CYS D 256 -16.92 33.36 -15.89
N LEU D 257 -17.40 33.88 -17.04
CA LEU D 257 -17.83 35.27 -17.21
C LEU D 257 -19.35 35.36 -17.09
N GLU D 258 -19.85 34.86 -15.97
CA GLU D 258 -21.26 34.88 -15.62
C GLU D 258 -21.40 35.93 -14.51
N LYS D 259 -22.21 36.98 -14.76
CA LYS D 259 -22.33 38.08 -13.80
C LYS D 259 -23.07 37.68 -12.52
N ASN D 260 -24.00 36.71 -12.59
CA ASN D 260 -24.65 36.17 -11.39
C ASN D 260 -23.65 35.27 -10.66
N VAL D 261 -23.24 35.68 -9.45
CA VAL D 261 -22.19 35.00 -8.71
C VAL D 261 -22.56 33.54 -8.45
N ASP D 262 -23.84 33.26 -8.22
CA ASP D 262 -24.29 31.92 -7.82
C ASP D 262 -24.32 30.97 -9.03
N ALA D 263 -24.56 31.53 -10.22
CA ALA D 263 -24.57 30.76 -11.46
C ALA D 263 -23.15 30.54 -11.98
N ARG D 264 -22.20 31.42 -11.61
CA ARG D 264 -20.83 31.31 -12.07
C ARG D 264 -20.20 30.04 -11.49
N TRP D 265 -19.47 29.28 -12.30
CA TRP D 265 -19.02 27.97 -11.84
C TRP D 265 -17.88 28.11 -10.83
N THR D 266 -17.75 27.08 -9.96
CA THR D 266 -16.57 26.90 -9.12
C THR D 266 -15.46 26.28 -9.94
N THR D 267 -14.23 26.34 -9.42
CA THR D 267 -13.09 25.70 -10.05
C THR D 267 -13.30 24.20 -10.11
N SER D 268 -13.95 23.63 -9.09
CA SER D 268 -14.20 22.19 -9.09
C SER D 268 -15.17 21.82 -10.21
N GLN D 269 -16.20 22.65 -10.44
CA GLN D 269 -17.11 22.38 -11.55
C GLN D 269 -16.38 22.56 -12.88
N LEU D 270 -15.53 23.57 -12.99
CA LEU D 270 -14.84 23.90 -14.24
C LEU D 270 -13.87 22.79 -14.64
N LEU D 271 -13.29 22.12 -13.64
CA LEU D 271 -12.36 21.00 -13.90
C LEU D 271 -13.08 19.88 -14.65
N GLN D 272 -14.42 19.82 -14.58
CA GLN D 272 -15.20 18.80 -15.25
C GLN D 272 -15.60 19.25 -16.65
N HIS D 273 -15.22 20.47 -17.05
CA HIS D 273 -15.60 20.96 -18.36
C HIS D 273 -14.72 20.31 -19.43
N PRO D 274 -15.29 19.96 -20.61
CA PRO D 274 -14.52 19.34 -21.70
C PRO D 274 -13.34 20.16 -22.21
N PHE D 275 -13.40 21.51 -22.12
CA PHE D 275 -12.32 22.34 -22.60
C PHE D 275 -11.02 22.03 -21.89
N VAL D 276 -11.07 21.60 -20.61
CA VAL D 276 -9.84 21.36 -19.86
C VAL D 276 -9.59 19.86 -19.72
N THR D 277 -10.24 19.09 -20.59
CA THR D 277 -9.95 17.64 -20.66
C THR D 277 -8.80 17.58 -21.67
N VAL D 278 -7.59 17.85 -21.21
CA VAL D 278 -6.40 17.82 -22.09
C VAL D 278 -5.43 16.81 -21.50
N ASP D 279 -4.40 16.46 -22.27
CA ASP D 279 -3.42 15.45 -21.81
C ASP D 279 -2.00 15.95 -22.09
N SER D 280 -1.77 16.58 -23.25
CA SER D 280 -0.37 16.95 -23.57
C SER D 280 -0.07 18.42 -23.28
N ASN D 281 1.20 18.71 -22.95
CA ASN D 281 1.65 20.10 -22.72
C ASN D 281 2.55 20.43 -23.91
N LYS D 282 2.37 19.70 -25.00
CA LYS D 282 3.26 19.87 -26.15
C LYS D 282 3.04 21.24 -26.77
N PRO D 283 1.79 21.76 -26.89
CA PRO D 283 1.59 23.10 -27.45
C PRO D 283 2.46 24.17 -26.77
N ILE D 284 2.67 24.03 -25.45
CA ILE D 284 3.45 24.98 -24.66
C ILE D 284 4.95 24.72 -24.86
N ARG D 285 5.37 23.46 -24.87
CA ARG D 285 6.76 23.12 -25.19
C ARG D 285 7.18 23.74 -26.53
N GLU D 286 6.29 23.73 -27.53
CA GLU D 286 6.57 24.29 -28.86
C GLU D 286 6.58 25.81 -28.82
N LEU D 287 5.66 26.40 -28.03
CA LEU D 287 5.54 27.84 -27.90
C LEU D 287 6.81 28.44 -27.30
N ILE D 288 7.40 27.77 -26.30
CA ILE D 288 8.60 28.30 -25.66
C ILE D 288 9.85 27.87 -26.43
N ALA D 289 9.74 26.93 -27.38
CA ALA D 289 10.82 26.63 -28.32
C ALA D 289 10.91 27.71 -29.41
N GLU D 290 9.78 28.33 -29.79
CA GLU D 290 9.79 29.49 -30.67
C GLU D 290 10.37 30.71 -29.96
N ALA D 291 9.94 30.92 -28.70
CA ALA D 291 10.39 32.05 -27.89
C ALA D 291 11.92 31.97 -27.66
N LYS D 292 12.45 30.77 -27.38
CA LYS D 292 13.88 30.57 -27.13
C LYS D 292 14.68 30.84 -28.41
N ALA D 293 14.08 30.69 -29.60
CA ALA D 293 14.80 30.96 -30.85
C ALA D 293 14.83 32.48 -31.15
C1 AV9 E . -7.99 8.08 20.54
C2 AV9 E . -7.92 8.37 19.21
C3 AV9 E . -7.64 9.69 18.78
C4 AV9 E . -7.44 10.71 19.76
C5 AV9 E . -7.53 10.38 21.13
C6 AV9 E . -7.79 9.11 21.53
N7 AV9 E . -7.57 9.95 17.44
C8 AV9 E . -7.29 11.17 17.07
C9 AV9 E . -7.08 12.24 17.95
C10 AV9 E . -7.16 12.03 19.31
O11 AV9 E . -6.97 12.99 20.29
C12 AV9 E . -6.48 14.26 19.97
C13 AV9 E . -7.33 15.29 19.68
C15 AV9 E . -5.45 16.77 19.32
C16 AV9 E . -4.61 15.71 19.65
C17 AV9 E . -5.13 14.47 19.97
O25 AV9 E . -5.46 22.13 19.45
C11 AV9 E . -6.83 16.54 19.34
N28 AV9 E . -4.90 18.03 18.96
O33 AV9 E . -7.89 8.71 22.84
O34 AV9 E . -8.25 6.83 21.04
C35 AV9 E . -3.72 18.27 18.26
O36 AV9 E . -3.00 17.35 17.88
N37 AV9 E . -3.47 19.55 18.00
C38 AV9 E . -4.13 20.59 18.48
C40 AV9 E . -4.51 24.25 18.83
C30 AV9 E . -4.56 22.78 18.68
C43 AV9 E . -3.89 21.85 17.92
N21 AV9 E . -5.03 20.74 19.46
CL4 AV9 E . -7.94 17.80 18.94
C49 AV9 E . -6.67 8.54 23.57
C53 AV9 E . -8.61 5.78 20.13
S SO4 F . 19.13 4.59 33.45
O1 SO4 F . 20.47 5.17 33.43
O2 SO4 F . 19.04 3.35 32.69
O3 SO4 F . 18.80 4.31 34.85
O4 SO4 F . 18.20 5.55 32.85
C1 AV9 G . -4.57 -14.04 -26.48
C2 AV9 G . -5.18 -14.60 -25.40
C3 AV9 G . -4.48 -15.45 -24.51
C4 AV9 G . -3.12 -15.70 -24.75
C5 AV9 G . -2.48 -15.11 -25.87
C6 AV9 G . -3.18 -14.30 -26.72
N7 AV9 G . -5.14 -15.97 -23.43
C8 AV9 G . -4.46 -16.75 -22.61
C9 AV9 G . -3.11 -17.04 -22.76
C10 AV9 G . -2.43 -16.54 -23.82
O11 AV9 G . -1.09 -16.79 -24.09
C12 AV9 G . -0.27 -17.42 -23.15
C13 AV9 G . -0.23 -18.79 -23.14
C15 AV9 G . 1.37 -18.73 -21.34
C16 AV9 G . 1.30 -17.33 -21.37
C17 AV9 G . 0.49 -16.68 -22.26
O25 AV9 G . 4.58 -22.78 -19.99
C11 AV9 G . 0.59 -19.45 -22.25
N28 AV9 G . 2.23 -19.34 -20.40
O33 AV9 G . -2.68 -13.70 -27.84
O34 AV9 G . -5.16 -13.22 -27.39
C35 AV9 G . 2.26 -19.19 -19.02
O36 AV9 G . 1.49 -18.43 -18.43
N37 AV9 G . 3.22 -19.87 -18.42
C38 AV9 G . 3.71 -21.04 -18.85
C40 AV9 G . 6.61 -23.28 -18.85
C30 AV9 G . 5.29 -22.61 -18.88
C43 AV9 G . 4.57 -21.78 -18.03
N21 AV9 G . 3.56 -21.74 -19.97
CL4 AV9 G . 0.60 -21.19 -22.31
C49 AV9 G . -1.30 -13.92 -28.16
C53 AV9 G . -6.53 -12.85 -27.16
C1 AV9 H . -2.50 -30.70 20.32
C2 AV9 H . -2.70 -29.72 19.37
C3 AV9 H . -2.00 -29.75 18.15
C4 AV9 H . -1.07 -30.79 17.90
C5 AV9 H . -0.88 -31.80 18.88
C6 AV9 H . -1.58 -31.77 20.05
N7 AV9 H . -2.23 -28.74 17.25
C8 AV9 H . -1.56 -28.77 16.12
C9 AV9 H . -0.65 -29.79 15.78
C10 AV9 H . -0.38 -30.78 16.67
O11 AV9 H . 0.51 -31.82 16.44
C12 AV9 H . 1.07 -31.98 15.17
C13 AV9 H . 2.23 -31.32 14.85
C15 AV9 H . 2.19 -32.30 12.63
C16 AV9 H . 1.02 -32.95 12.98
C17 AV9 H . 0.47 -32.80 14.24
O25 AV9 H . 6.49 -32.97 9.57
C11 AV9 H . 2.78 -31.47 13.58
N28 AV9 H . 2.79 -32.47 11.35
O33 AV9 H . -1.46 -32.71 21.01
O34 AV9 H . -3.13 -30.75 21.53
C35 AV9 H . 2.16 -32.48 10.10
O36 AV9 H . 0.94 -32.45 10.00
N37 AV9 H . 2.99 -32.56 9.07
C38 AV9 H . 4.29 -32.81 9.15
C40 AV9 H . 7.52 -33.73 7.54
C30 AV9 H . 6.30 -33.36 8.31
C43 AV9 H . 4.96 -33.38 8.04
N21 AV9 H . 5.21 -32.60 10.10
CL4 AV9 H . 4.25 -30.64 13.21
C49 AV9 H . -0.40 -33.65 20.93
C53 AV9 H . -3.98 -29.66 21.93
S SO4 I . 11.20 -16.48 10.04
O1 SO4 I . 12.62 -16.22 10.16
O2 SO4 I . 11.00 -17.62 9.13
O3 SO4 I . 10.59 -16.75 11.36
O4 SO4 I . 10.63 -15.27 9.47
C1 AV9 J . 11.42 35.61 -15.78
C2 AV9 J . 11.31 34.48 -15.01
C3 AV9 J . 10.81 34.56 -13.70
C4 AV9 J . 10.42 35.81 -13.17
C5 AV9 J . 10.54 36.97 -13.98
C6 AV9 J . 11.04 36.89 -15.24
N7 AV9 J . 10.73 33.39 -12.97
C8 AV9 J . 10.26 33.47 -11.74
C9 AV9 J . 9.85 34.68 -11.14
C10 AV9 J . 9.93 35.85 -11.85
O11 AV9 J . 9.54 37.11 -11.38
C12 AV9 J . 8.81 37.19 -10.20
C13 AV9 J . 9.53 37.26 -9.03
C15 AV9 J . 7.47 37.30 -7.74
C16 AV9 J . 6.76 37.26 -8.94
C17 AV9 J . 7.43 37.19 -10.17
O25 AV9 J . 6.88 39.62 -2.86
C11 AV9 J . 8.86 37.32 -7.82
N28 AV9 J . 6.86 37.33 -6.47
O33 AV9 J . 11.15 37.97 -16.07
O34 AV9 J . 11.88 35.60 -17.08
C35 AV9 J . 5.74 36.66 -6.00
O36 AV9 J . 5.12 35.85 -6.69
N37 AV9 J . 5.38 36.98 -4.74
C38 AV9 J . 5.82 38.01 -4.03
C40 AV9 J . 5.24 40.48 -1.34
C30 AV9 J . 5.65 39.48 -2.33
C43 AV9 J . 5.06 38.38 -2.92
N21 AV9 J . 6.90 38.81 -4.05
CL4 AV9 J . 9.79 37.40 -6.37
C49 AV9 J . 9.95 38.51 -16.64
C53 AV9 J . 12.57 34.45 -17.55
S SO4 K . 3.16 14.25 -26.39
O1 SO4 K . 3.23 13.00 -25.66
O2 SO4 K . 4.49 14.60 -26.86
O3 SO4 K . 2.68 15.28 -25.50
O4 SO4 K . 2.23 14.13 -27.48
#